data_7SF5
#
_entry.id   7SF5
#
_cell.length_a   69.146
_cell.length_b   70.277
_cell.length_c   143.883
_cell.angle_alpha   90.000
_cell.angle_beta   90.000
_cell.angle_gamma   90.000
#
_symmetry.space_group_name_H-M   'P 21 21 21'
#
loop_
_entity.id
_entity.type
_entity.pdbx_description
1 polymer 'Histidine N-alpha-methyltransferase'
2 non-polymer N-(benzylcarbamothioyl)-L-histidine
3 water water
#
_entity_poly.entity_id   1
_entity_poly.type   'polypeptide(L)'
_entity_poly.pdbx_seq_one_letter_code
;GPVSVANHLGEDAGHLALRRDVYSGLQKTPKSLPPKWFYDTVGSELFDQITRLPEYYPTRAEAEILRARSAEVASACRAD
TLVELGSGTSEKTRMLLDALRHRGSLRRFVPFDVDASVLSATATAIQREYSGVEINAVCGDFEEHLTEIPRGGRRLFVFL
GSTIGNLTPGPRAQFLTALAGVMRPGDSLLLGTDLVKDAARLVRAYDDPGGVTAQFNRNVLAVINRELEADFDVDAFQHV
ARWNSAEERIEMWLRADGRQRVRVGALDLTVDFDAGEEMLTEVSCKFRPQAVGAELAAAGLHRIRWWTDEAGDFGLSLAA
K
;
_entity_poly.pdbx_strand_id   A,B
#
# COMPACT_ATOMS: atom_id res chain seq x y z
N GLY A 1 19.82 40.60 -7.48
CA GLY A 1 19.68 39.81 -8.67
C GLY A 1 18.27 39.88 -9.21
N PRO A 2 18.08 39.46 -10.45
CA PRO A 2 16.76 39.63 -11.06
C PRO A 2 15.76 38.62 -10.51
N VAL A 3 14.52 39.09 -10.35
CA VAL A 3 13.37 38.27 -9.96
C VAL A 3 12.57 37.95 -11.21
N SER A 4 12.11 36.70 -11.30
CA SER A 4 11.14 36.32 -12.33
C SER A 4 10.13 35.38 -11.71
N VAL A 5 8.87 35.56 -12.08
CA VAL A 5 7.81 34.61 -11.77
C VAL A 5 7.23 34.12 -13.07
N ALA A 6 7.15 32.80 -13.23
CA ALA A 6 6.46 32.17 -14.33
C ALA A 6 5.21 31.54 -13.74
N ASN A 7 4.05 31.93 -14.25
CA ASN A 7 2.78 31.49 -13.73
C ASN A 7 2.18 30.53 -14.75
N HIS A 8 2.11 29.25 -14.39
CA HIS A 8 1.49 28.27 -15.25
C HIS A 8 0.08 27.87 -14.80
N LEU A 9 -0.45 28.50 -13.76
CA LEU A 9 -1.79 28.19 -13.28
C LEU A 9 -2.79 29.22 -13.82
N GLY A 10 -3.82 28.75 -14.52
CA GLY A 10 -4.91 29.63 -14.89
C GLY A 10 -5.52 30.31 -13.67
N GLU A 11 -6.25 31.40 -13.92
CA GLU A 11 -6.64 32.28 -12.82
C GLU A 11 -7.57 31.58 -11.81
N ASP A 12 -8.49 30.75 -12.28
CA ASP A 12 -9.39 30.02 -11.40
C ASP A 12 -9.07 28.54 -11.34
N ALA A 13 -7.83 28.15 -11.72
CA ALA A 13 -7.43 26.75 -11.60
C ALA A 13 -7.69 26.26 -10.18
N GLY A 14 -7.34 27.08 -9.19
CA GLY A 14 -7.64 26.72 -7.81
C GLY A 14 -9.12 26.47 -7.59
N HIS A 15 -9.96 27.41 -8.02
CA HIS A 15 -11.39 27.29 -7.75
C HIS A 15 -11.97 26.05 -8.41
N LEU A 16 -11.50 25.73 -9.63
CA LEU A 16 -12.00 24.55 -10.33
C LEU A 16 -11.43 23.27 -9.74
N ALA A 17 -10.19 23.32 -9.24
CA ALA A 17 -9.64 22.20 -8.47
C ALA A 17 -10.51 21.88 -7.25
N LEU A 18 -10.98 22.92 -6.56
CA LEU A 18 -11.81 22.69 -5.38
C LEU A 18 -13.11 22.01 -5.76
N ARG A 19 -13.73 22.47 -6.85
CA ARG A 19 -14.97 21.86 -7.29
C ARG A 19 -14.79 20.37 -7.52
N ARG A 20 -13.66 19.98 -8.12
CA ARG A 20 -13.47 18.57 -8.44
C ARG A 20 -13.27 17.75 -7.17
N ASP A 21 -12.41 18.23 -6.27
CA ASP A 21 -12.13 17.51 -5.04
C ASP A 21 -13.36 17.41 -4.14
N VAL A 22 -14.17 18.47 -4.06
CA VAL A 22 -15.31 18.41 -3.16
C VAL A 22 -16.43 17.57 -3.76
N TYR A 23 -16.74 17.79 -5.04
CA TYR A 23 -17.78 16.99 -5.69
C TYR A 23 -17.46 15.51 -5.64
N SER A 24 -16.20 15.14 -5.90
CA SER A 24 -15.77 13.74 -5.85
C SER A 24 -15.74 13.22 -4.41
N GLY A 25 -14.91 13.86 -3.57
CA GLY A 25 -14.59 13.27 -2.28
C GLY A 25 -15.74 13.24 -1.30
N LEU A 26 -16.65 14.22 -1.37
CA LEU A 26 -17.86 14.14 -0.55
C LEU A 26 -18.83 13.09 -1.05
N GLN A 27 -18.48 12.37 -2.09
CA GLN A 27 -19.39 11.42 -2.72
C GLN A 27 -18.82 10.01 -2.71
N LYS A 28 -17.71 9.78 -2.03
CA LYS A 28 -17.19 8.42 -1.86
C LYS A 28 -17.33 7.99 -0.40
N THR A 29 -17.18 6.67 -0.21
CA THR A 29 -17.22 6.02 1.11
C THR A 29 -15.84 5.53 1.48
N PRO A 30 -15.24 6.06 2.54
CA PRO A 30 -15.85 7.14 3.33
C PRO A 30 -15.57 8.50 2.69
N LYS A 31 -16.25 9.55 3.13
CA LYS A 31 -16.04 10.86 2.53
C LYS A 31 -14.61 11.32 2.80
N SER A 32 -14.00 11.95 1.81
CA SER A 32 -12.60 12.30 1.98
C SER A 32 -12.28 13.55 1.19
N LEU A 33 -11.44 14.39 1.78
CA LEU A 33 -11.02 15.62 1.16
C LEU A 33 -9.51 15.69 1.12
N PRO A 34 -8.94 16.19 0.03
CA PRO A 34 -7.51 16.36 -0.07
C PRO A 34 -7.01 17.47 0.85
N PRO A 35 -5.81 17.34 1.42
CA PRO A 35 -5.33 18.32 2.41
C PRO A 35 -4.81 19.62 1.83
N LYS A 36 -4.82 19.78 0.49
CA LYS A 36 -4.32 21.00 -0.14
C LYS A 36 -5.20 22.21 0.15
N TRP A 37 -6.36 22.02 0.77
CA TRP A 37 -7.35 23.08 0.94
C TRP A 37 -7.36 23.70 2.35
N PHE A 38 -6.60 23.16 3.30
CA PHE A 38 -6.50 23.77 4.62
C PHE A 38 -5.93 25.17 4.59
N TYR A 39 -5.17 25.52 3.56
CA TYR A 39 -4.22 26.63 3.64
C TYR A 39 -4.74 27.90 2.96
N ASP A 40 -5.95 28.35 3.31
CA ASP A 40 -6.33 29.73 3.01
C ASP A 40 -5.63 30.61 4.04
N THR A 41 -6.02 31.88 4.13
CA THR A 41 -5.32 32.79 5.03
C THR A 41 -5.42 32.34 6.49
N VAL A 42 -6.63 31.96 6.91
CA VAL A 42 -6.88 31.53 8.30
C VAL A 42 -6.10 30.24 8.61
N GLY A 43 -6.29 29.20 7.79
CA GLY A 43 -5.56 27.97 8.00
C GLY A 43 -4.06 28.18 7.99
N SER A 44 -3.56 29.05 7.12
CA SER A 44 -2.11 29.22 7.00
C SER A 44 -1.54 29.80 8.29
N GLU A 45 -2.23 30.76 8.88
CA GLU A 45 -1.72 31.27 10.13
C GLU A 45 -2.08 30.35 11.29
N LEU A 46 -3.07 29.47 11.10
CA LEU A 46 -3.28 28.39 12.06
C LEU A 46 -2.14 27.40 11.99
N PHE A 47 -1.77 26.99 10.77
CA PHE A 47 -0.61 26.13 10.63
C PHE A 47 0.61 26.78 11.25
N ASP A 48 0.79 28.08 11.04
CA ASP A 48 1.91 28.75 11.68
C ASP A 48 1.84 28.60 13.19
N GLN A 49 0.63 28.60 13.76
CA GLN A 49 0.53 28.40 15.19
C GLN A 49 0.92 26.98 15.56
N ILE A 50 0.48 26.01 14.74
CA ILE A 50 0.79 24.61 15.00
C ILE A 50 2.30 24.38 15.08
N THR A 51 3.06 25.00 14.16
CA THR A 51 4.49 24.69 14.14
C THR A 51 5.20 25.13 15.41
N ARG A 52 4.59 26.02 16.18
CA ARG A 52 5.18 26.49 17.42
C ARG A 52 4.65 25.75 18.64
N LEU A 53 3.70 24.85 18.47
CA LEU A 53 3.19 24.09 19.61
C LEU A 53 4.27 23.17 20.14
N PRO A 54 4.36 23.00 21.46
CA PRO A 54 5.32 22.02 21.98
C PRO A 54 4.99 20.62 21.53
N GLU A 55 3.73 20.33 21.24
CA GLU A 55 3.34 18.98 20.85
C GLU A 55 3.74 18.64 19.42
N TYR A 56 3.79 19.63 18.51
CA TYR A 56 4.12 19.37 17.10
C TYR A 56 5.63 19.45 16.91
N TYR A 57 6.28 18.36 17.29
CA TYR A 57 7.73 18.25 17.17
C TYR A 57 8.29 18.34 15.75
N PRO A 58 7.58 17.94 14.66
CA PRO A 58 8.27 17.86 13.36
C PRO A 58 9.00 19.12 12.96
N THR A 59 8.37 20.30 13.12
CA THR A 59 9.02 21.52 12.66
C THR A 59 10.36 21.72 13.35
N ARG A 60 10.39 21.55 14.68
CA ARG A 60 11.65 21.77 15.41
C ARG A 60 12.66 20.67 15.16
N ALA A 61 12.21 19.42 14.99
CA ALA A 61 13.14 18.32 14.78
C ALA A 61 13.94 18.50 13.49
N GLU A 62 13.25 18.87 12.41
CA GLU A 62 13.89 19.11 11.12
C GLU A 62 14.74 20.37 11.13
N ALA A 63 14.30 21.42 11.84
CA ALA A 63 15.12 22.61 12.02
C ALA A 63 16.44 22.27 12.68
N GLU A 64 16.38 21.44 13.72
CA GLU A 64 17.57 21.01 14.45
C GLU A 64 18.54 20.30 13.52
N ILE A 65 18.07 19.32 12.77
CA ILE A 65 18.92 18.67 11.78
C ILE A 65 19.56 19.70 10.87
N LEU A 66 18.72 20.62 10.35
CA LEU A 66 19.18 21.57 9.34
C LEU A 66 20.21 22.53 9.93
N ARG A 67 20.04 22.95 11.18
CA ARG A 67 21.03 23.83 11.80
C ARG A 67 22.38 23.15 11.90
N ALA A 68 22.41 21.83 11.93
CA ALA A 68 23.65 21.09 12.13
C ALA A 68 24.23 20.54 10.83
N ARG A 69 23.38 20.24 9.84
CA ARG A 69 23.81 19.54 8.65
C ARG A 69 23.74 20.36 7.38
N SER A 70 23.19 21.58 7.43
CA SER A 70 23.05 22.38 6.22
C SER A 70 24.37 22.56 5.50
N ALA A 71 25.46 22.74 6.26
CA ALA A 71 26.78 22.90 5.67
C ALA A 71 27.19 21.62 4.95
N GLU A 72 26.92 20.48 5.56
CA GLU A 72 27.23 19.23 4.90
C GLU A 72 26.41 19.07 3.64
N VAL A 73 25.13 19.46 3.68
CA VAL A 73 24.30 19.39 2.48
C VAL A 73 24.95 20.19 1.36
N ALA A 74 25.24 21.47 1.62
CA ALA A 74 25.82 22.33 0.60
C ALA A 74 27.11 21.71 0.03
N SER A 75 27.99 21.23 0.91
CA SER A 75 29.27 20.68 0.49
C SER A 75 29.12 19.34 -0.27
N ALA A 76 28.16 18.51 0.13
CA ALA A 76 27.95 17.21 -0.52
C ALA A 76 27.23 17.32 -1.86
N CYS A 77 26.22 18.18 -1.97
CA CYS A 77 25.51 18.31 -3.23
C CYS A 77 26.14 19.32 -4.17
N ARG A 78 26.93 20.24 -3.65
CA ARG A 78 27.69 21.19 -4.45
C ARG A 78 26.78 22.02 -5.35
N ALA A 79 25.53 22.21 -4.96
CA ALA A 79 24.58 22.82 -5.88
C ALA A 79 24.83 24.33 -5.98
N ASP A 80 24.51 24.88 -7.16
CA ASP A 80 24.52 26.32 -7.29
C ASP A 80 23.12 26.89 -7.28
N THR A 81 22.13 26.03 -7.09
CA THR A 81 20.75 26.43 -7.27
C THR A 81 19.84 25.68 -6.30
N LEU A 82 18.98 26.42 -5.63
CA LEU A 82 18.03 25.88 -4.67
C LEU A 82 16.62 25.88 -5.28
N VAL A 83 16.10 24.69 -5.58
CA VAL A 83 14.73 24.50 -6.01
C VAL A 83 13.92 24.06 -4.80
N GLU A 84 12.98 24.88 -4.35
CA GLU A 84 12.14 24.52 -3.22
C GLU A 84 10.77 24.12 -3.71
N LEU A 85 10.34 22.91 -3.36
CA LEU A 85 8.93 22.51 -3.51
C LEU A 85 8.20 22.92 -2.23
N GLY A 86 7.68 24.13 -2.24
CA GLY A 86 7.28 24.86 -1.06
C GLY A 86 7.35 26.35 -1.32
N SER A 87 6.72 27.13 -0.44
CA SER A 87 6.50 28.55 -0.70
C SER A 87 7.76 29.42 -0.57
N GLY A 88 8.84 28.89 0.01
CA GLY A 88 10.07 29.64 0.17
C GLY A 88 10.11 30.60 1.35
N THR A 89 9.20 30.47 2.31
CA THR A 89 9.05 31.44 3.41
C THR A 89 9.65 30.98 4.75
N SER A 90 9.89 29.69 4.96
CA SER A 90 10.41 29.22 6.23
C SER A 90 11.82 29.75 6.48
N GLU A 91 12.19 29.76 7.78
CA GLU A 91 13.58 29.89 8.22
C GLU A 91 14.47 28.80 7.66
N LYS A 92 13.95 27.58 7.47
CA LYS A 92 14.79 26.50 6.96
C LYS A 92 15.30 26.82 5.57
N THR A 93 14.47 27.51 4.78
CA THR A 93 14.88 28.02 3.48
C THR A 93 16.14 28.88 3.58
N ARG A 94 16.21 29.75 4.59
CA ARG A 94 17.40 30.58 4.74
C ARG A 94 18.61 29.73 5.09
N MET A 95 18.43 28.74 5.98
CA MET A 95 19.56 27.91 6.39
C MET A 95 20.26 27.30 5.18
N LEU A 96 19.47 26.81 4.22
CA LEU A 96 20.06 26.18 3.05
C LEU A 96 20.65 27.23 2.10
N LEU A 97 19.94 28.35 1.89
CA LEU A 97 20.51 29.42 1.09
C LEU A 97 21.80 29.94 1.69
N ASP A 98 21.87 30.00 3.03
CA ASP A 98 23.08 30.48 3.68
C ASP A 98 24.21 29.48 3.48
N ALA A 99 23.90 28.19 3.53
CA ALA A 99 24.93 27.18 3.38
C ALA A 99 25.55 27.26 2.00
N LEU A 100 24.72 27.47 0.98
CA LEU A 100 25.24 27.59 -0.38
C LEU A 100 25.97 28.93 -0.58
N ARG A 101 25.42 30.02 -0.04
CA ARG A 101 26.08 31.31 -0.16
C ARG A 101 27.41 31.31 0.57
N HIS A 102 27.47 30.64 1.73
CA HIS A 102 28.70 30.58 2.52
C HIS A 102 29.79 29.82 1.78
N ARG A 103 29.42 28.72 1.14
CA ARG A 103 30.32 27.99 0.27
C ARG A 103 30.54 28.73 -1.04
N GLY A 104 29.87 29.88 -1.21
CA GLY A 104 30.05 30.69 -2.39
C GLY A 104 29.43 30.20 -3.67
N SER A 105 28.47 29.27 -3.64
CA SER A 105 27.95 28.80 -4.91
C SER A 105 26.45 29.06 -5.07
N LEU A 106 25.88 29.98 -4.32
CA LEU A 106 24.45 30.27 -4.47
C LEU A 106 24.29 31.23 -5.63
N ARG A 107 23.83 30.73 -6.78
CA ARG A 107 23.56 31.59 -7.91
C ARG A 107 22.08 31.80 -8.18
N ARG A 108 21.26 30.77 -8.04
CA ARG A 108 19.82 30.93 -8.35
C ARG A 108 18.95 30.20 -7.32
N PHE A 109 17.75 30.75 -7.07
CA PHE A 109 16.76 30.18 -6.16
C PHE A 109 15.44 30.06 -6.90
N VAL A 110 14.85 28.88 -6.85
CA VAL A 110 13.62 28.54 -7.56
C VAL A 110 12.54 28.09 -6.59
N PRO A 111 11.79 29.02 -5.98
CA PRO A 111 10.59 28.63 -5.23
C PRO A 111 9.48 28.19 -6.16
N PHE A 112 8.83 27.08 -5.80
CA PHE A 112 7.82 26.40 -6.60
C PHE A 112 6.62 26.15 -5.70
N ASP A 113 5.52 26.84 -5.96
CA ASP A 113 4.32 26.66 -5.17
C ASP A 113 3.11 27.03 -6.03
N VAL A 114 1.92 26.90 -5.46
CA VAL A 114 0.70 27.12 -6.22
C VAL A 114 0.14 28.53 -6.01
N ASP A 115 0.69 29.30 -5.08
CA ASP A 115 0.15 30.62 -4.73
C ASP A 115 1.09 31.71 -5.23
N ALA A 116 0.85 32.18 -6.46
CA ALA A 116 1.70 33.19 -7.10
C ALA A 116 1.90 34.41 -6.24
N SER A 117 0.90 34.74 -5.41
CA SER A 117 1.07 35.88 -4.51
C SER A 117 2.11 35.59 -3.44
N VAL A 118 2.15 34.35 -2.96
CA VAL A 118 3.15 34.00 -1.96
C VAL A 118 4.53 33.88 -2.59
N LEU A 119 4.62 33.33 -3.79
CA LEU A 119 5.90 33.35 -4.49
C LEU A 119 6.38 34.77 -4.69
N SER A 120 5.48 35.68 -5.07
CA SER A 120 5.84 37.08 -5.24
C SER A 120 6.51 37.65 -3.98
N ALA A 121 5.94 37.43 -2.80
CA ALA A 121 6.51 38.03 -1.61
C ALA A 121 7.81 37.32 -1.22
N THR A 122 7.85 36.00 -1.39
CA THR A 122 9.10 35.28 -1.17
C THR A 122 10.19 35.84 -2.08
N ALA A 123 9.90 35.99 -3.37
CA ALA A 123 10.94 36.41 -4.30
C ALA A 123 11.45 37.80 -3.97
N THR A 124 10.55 38.70 -3.57
CA THR A 124 10.97 40.05 -3.23
C THR A 124 11.84 40.05 -1.98
N ALA A 125 11.52 39.20 -0.99
CA ALA A 125 12.29 39.16 0.25
C ALA A 125 13.64 38.47 0.08
N ILE A 126 13.69 37.40 -0.70
CA ILE A 126 14.99 36.82 -0.99
C ILE A 126 15.82 37.78 -1.84
N GLN A 127 15.19 38.53 -2.75
CA GLN A 127 15.94 39.51 -3.53
C GLN A 127 16.53 40.55 -2.60
N ARG A 128 15.84 40.88 -1.53
CA ARG A 128 16.39 41.90 -0.62
C ARG A 128 17.49 41.33 0.26
N GLU A 129 17.38 40.06 0.66
CA GLU A 129 18.32 39.49 1.63
C GLU A 129 19.51 38.80 0.99
N TYR A 130 19.44 38.45 -0.28
CA TYR A 130 20.50 37.69 -0.91
C TYR A 130 20.78 38.40 -2.24
N SER A 131 21.65 39.38 -2.19
CA SER A 131 22.06 40.03 -3.42
C SER A 131 22.84 39.04 -4.27
N GLY A 132 22.81 39.25 -5.58
CA GLY A 132 23.58 38.39 -6.45
C GLY A 132 22.96 37.04 -6.72
N VAL A 133 21.72 36.82 -6.28
CA VAL A 133 21.01 35.59 -6.57
C VAL A 133 19.86 35.90 -7.49
N GLU A 134 19.78 35.15 -8.59
CA GLU A 134 18.60 35.14 -9.44
C GLU A 134 17.49 34.34 -8.77
N ILE A 135 16.30 34.94 -8.62
CA ILE A 135 15.13 34.23 -8.11
C ILE A 135 14.21 33.90 -9.29
N ASN A 136 13.96 32.61 -9.55
CA ASN A 136 13.06 32.18 -10.61
C ASN A 136 11.91 31.44 -9.99
N ALA A 137 10.86 32.15 -9.57
CA ALA A 137 9.71 31.48 -8.97
C ALA A 137 8.82 30.87 -10.02
N VAL A 138 8.31 29.68 -9.73
CA VAL A 138 7.43 28.96 -10.64
C VAL A 138 6.12 28.69 -9.91
N CYS A 139 5.04 29.26 -10.43
CA CYS A 139 3.71 28.96 -9.96
C CYS A 139 3.19 27.77 -10.77
N GLY A 140 3.05 26.63 -10.10
CA GLY A 140 2.55 25.43 -10.74
C GLY A 140 2.24 24.40 -9.69
N ASP A 141 1.87 23.22 -10.14
CA ASP A 141 1.59 22.10 -9.24
C ASP A 141 2.46 20.91 -9.61
N PHE A 142 2.62 20.00 -8.63
CA PHE A 142 3.49 18.85 -8.82
C PHE A 142 3.00 17.96 -9.96
N GLU A 143 1.68 17.92 -10.19
CA GLU A 143 1.09 17.05 -11.21
C GLU A 143 1.46 17.44 -12.64
N GLU A 144 1.83 18.68 -12.89
CA GLU A 144 1.89 19.09 -14.29
C GLU A 144 3.17 19.82 -14.65
N HIS A 145 3.76 20.55 -13.69
CA HIS A 145 4.73 21.58 -14.08
C HIS A 145 6.10 21.37 -13.46
N LEU A 146 6.39 20.18 -12.96
CA LEU A 146 7.78 19.93 -12.57
C LEU A 146 8.70 20.22 -13.74
N THR A 147 8.24 19.97 -14.95
CA THR A 147 9.03 20.23 -16.16
C THR A 147 9.24 21.72 -16.42
N GLU A 148 8.42 22.60 -15.86
CA GLU A 148 8.68 24.02 -16.05
C GLU A 148 9.70 24.58 -15.08
N ILE A 149 10.25 23.74 -14.21
CA ILE A 149 11.34 24.19 -13.32
C ILE A 149 12.57 24.49 -14.17
N PRO A 150 13.21 25.65 -14.01
CA PRO A 150 14.28 26.07 -14.92
C PRO A 150 15.43 25.08 -14.94
N ARG A 151 16.29 25.24 -15.96
CA ARG A 151 17.45 24.33 -16.12
C ARG A 151 18.75 25.13 -16.22
N GLY A 152 19.90 24.46 -16.05
CA GLY A 152 21.22 25.10 -16.13
C GLY A 152 21.85 25.30 -14.77
N GLY A 153 22.67 24.33 -14.33
CA GLY A 153 23.32 24.42 -13.04
C GLY A 153 23.20 23.11 -12.31
N ARG A 154 23.71 23.11 -11.09
CA ARG A 154 23.62 21.95 -10.23
C ARG A 154 22.52 22.28 -9.22
N ARG A 155 21.43 21.54 -9.26
CA ARG A 155 20.26 21.93 -8.48
C ARG A 155 20.06 20.97 -7.32
N LEU A 156 19.82 21.55 -6.15
CA LEU A 156 19.41 20.81 -4.98
C LEU A 156 17.91 21.05 -4.82
N PHE A 157 17.13 19.99 -4.99
CA PHE A 157 15.68 20.07 -4.82
C PHE A 157 15.36 19.81 -3.36
N VAL A 158 14.46 20.62 -2.80
CA VAL A 158 14.20 20.60 -1.37
C VAL A 158 12.71 20.41 -1.13
N PHE A 159 12.37 19.45 -0.29
CA PHE A 159 10.98 19.07 -0.04
C PHE A 159 10.86 18.66 1.43
N LEU A 160 10.66 19.63 2.29
CA LEU A 160 10.88 19.53 3.71
C LEU A 160 9.59 19.19 4.44
N GLY A 161 9.65 19.19 5.77
CA GLY A 161 8.48 19.19 6.62
C GLY A 161 7.60 17.95 6.58
N SER A 162 8.09 16.90 5.92
CA SER A 162 7.35 15.66 5.73
C SER A 162 6.08 15.89 4.92
N THR A 163 6.11 16.86 4.02
CA THR A 163 4.95 17.04 3.15
C THR A 163 4.69 15.79 2.33
N ILE A 164 5.76 15.10 1.91
CA ILE A 164 5.57 13.91 1.11
C ILE A 164 4.71 12.89 1.85
N GLY A 165 4.67 12.98 3.18
CA GLY A 165 3.79 12.10 3.93
C GLY A 165 2.32 12.33 3.65
N ASN A 166 1.95 13.47 3.08
CA ASN A 166 0.53 13.79 2.80
C ASN A 166 0.08 13.05 1.55
N LEU A 167 0.99 12.36 0.92
CA LEU A 167 0.66 11.55 -0.25
C LEU A 167 0.68 10.11 0.18
N THR A 168 -0.33 9.34 -0.19
CA THR A 168 -0.38 7.92 0.04
C THR A 168 0.58 7.21 -0.91
N PRO A 169 1.00 5.97 -0.57
CA PRO A 169 2.13 5.36 -1.30
C PRO A 169 2.02 5.42 -2.81
N GLY A 170 0.83 5.16 -3.38
CA GLY A 170 0.61 5.16 -4.82
C GLY A 170 0.92 6.51 -5.44
N PRO A 171 0.17 7.53 -5.06
CA PRO A 171 0.55 8.89 -5.46
C PRO A 171 1.98 9.24 -5.08
N ARG A 172 2.51 8.66 -4.01
CA ARG A 172 3.84 9.05 -3.53
C ARG A 172 4.94 8.52 -4.44
N ALA A 173 4.88 7.23 -4.79
CA ALA A 173 5.88 6.71 -5.72
C ALA A 173 5.79 7.41 -7.07
N GLN A 174 4.59 7.83 -7.46
CA GLN A 174 4.46 8.43 -8.77
C GLN A 174 4.99 9.84 -8.78
N PHE A 175 4.89 10.54 -7.66
CA PHE A 175 5.52 11.85 -7.58
C PHE A 175 7.03 11.75 -7.61
N LEU A 176 7.61 10.83 -6.80
CA LEU A 176 9.06 10.71 -6.75
C LEU A 176 9.63 10.28 -8.09
N THR A 177 8.90 9.44 -8.83
CA THR A 177 9.33 9.13 -10.19
C THR A 177 9.29 10.38 -11.06
N ALA A 178 8.23 11.17 -10.93
CA ALA A 178 8.13 12.39 -11.72
C ALA A 178 9.25 13.35 -11.36
N LEU A 179 9.58 13.43 -10.07
CA LEU A 179 10.63 14.35 -9.65
C LEU A 179 11.99 13.88 -10.14
N ALA A 180 12.32 12.59 -9.95
CA ALA A 180 13.56 12.07 -10.50
C ALA A 180 13.64 12.27 -12.00
N GLY A 181 12.50 12.27 -12.68
CA GLY A 181 12.51 12.42 -14.12
C GLY A 181 12.94 13.80 -14.58
N VAL A 182 12.61 14.84 -13.81
CA VAL A 182 13.06 16.19 -14.15
C VAL A 182 14.43 16.49 -13.57
N MET A 183 15.02 15.56 -12.85
CA MET A 183 16.34 15.82 -12.27
C MET A 183 17.42 15.43 -13.26
N ARG A 184 18.49 16.16 -13.23
CA ARG A 184 19.62 15.88 -14.11
C ARG A 184 20.73 15.21 -13.31
N PRO A 185 21.51 14.32 -13.92
CA PRO A 185 22.63 13.69 -13.20
C PRO A 185 23.47 14.72 -12.47
N GLY A 186 23.75 14.44 -11.19
CA GLY A 186 24.41 15.38 -10.32
C GLY A 186 23.50 16.30 -9.55
N ASP A 187 22.23 16.40 -9.91
CA ASP A 187 21.25 17.05 -9.06
C ASP A 187 20.88 16.15 -7.89
N SER A 188 20.36 16.76 -6.84
CA SER A 188 20.09 16.04 -5.61
C SER A 188 18.77 16.51 -5.00
N LEU A 189 18.24 15.68 -4.10
CA LEU A 189 16.97 15.93 -3.44
C LEU A 189 17.21 15.83 -1.93
N LEU A 190 16.80 16.86 -1.21
CA LEU A 190 16.74 16.82 0.23
C LEU A 190 15.29 16.60 0.63
N LEU A 191 15.00 15.47 1.27
CA LEU A 191 13.64 15.10 1.61
C LEU A 191 13.49 14.94 3.11
N GLY A 192 12.48 15.59 3.69
CA GLY A 192 12.16 15.45 5.10
C GLY A 192 11.03 14.45 5.31
N THR A 193 11.20 13.57 6.30
CA THR A 193 10.22 12.53 6.59
C THR A 193 10.09 12.31 8.09
N ASP A 194 8.86 12.42 8.59
CA ASP A 194 8.58 12.11 9.98
C ASP A 194 8.65 10.61 10.20
N LEU A 195 9.33 10.19 11.26
CA LEU A 195 9.62 8.79 11.48
C LEU A 195 8.56 8.17 12.36
N VAL A 196 8.30 6.87 12.12
CA VAL A 196 7.41 6.09 12.97
C VAL A 196 7.91 6.14 14.41
N LYS A 197 6.99 6.30 15.35
CA LYS A 197 7.35 6.46 16.75
C LYS A 197 6.17 6.02 17.61
N ASP A 198 6.26 6.32 18.90
CA ASP A 198 5.17 6.05 19.83
C ASP A 198 3.89 6.73 19.38
N ALA A 199 2.80 5.95 19.29
CA ALA A 199 1.54 6.48 18.74
C ALA A 199 0.96 7.59 19.60
N ALA A 200 1.05 7.48 20.93
CA ALA A 200 0.51 8.54 21.79
C ALA A 200 1.17 9.88 21.49
N ARG A 201 2.46 9.87 21.18
CA ARG A 201 3.12 11.09 20.73
C ARG A 201 2.61 11.54 19.37
N LEU A 202 2.40 10.59 18.46
CA LEU A 202 1.90 10.94 17.13
C LEU A 202 0.52 11.58 17.23
N VAL A 203 -0.37 10.99 18.02
CA VAL A 203 -1.72 11.54 18.08
C VAL A 203 -1.71 12.90 18.74
N ARG A 204 -0.93 13.06 19.82
CA ARG A 204 -0.85 14.39 20.45
C ARG A 204 -0.36 15.43 19.47
N ALA A 205 0.61 15.07 18.61
CA ALA A 205 1.12 16.04 17.64
C ALA A 205 0.01 16.53 16.71
N TYR A 206 -1.03 15.73 16.50
CA TYR A 206 -2.10 16.14 15.60
C TYR A 206 -3.40 16.43 16.33
N ASP A 207 -3.36 16.58 17.66
CA ASP A 207 -4.53 17.00 18.41
C ASP A 207 -4.03 17.69 19.68
N ASP A 208 -3.43 18.86 19.49
CA ASP A 208 -2.93 19.64 20.61
C ASP A 208 -4.06 19.96 21.57
N PRO A 209 -3.78 20.04 22.87
CA PRO A 209 -4.88 20.18 23.84
C PRO A 209 -5.69 21.45 23.65
N GLY A 210 -5.03 22.58 23.38
CA GLY A 210 -5.74 23.80 23.09
C GLY A 210 -6.47 23.78 21.76
N GLY A 211 -6.29 22.76 20.94
CA GLY A 211 -7.14 22.60 19.78
C GLY A 211 -6.82 23.48 18.59
N VAL A 212 -5.58 23.95 18.47
CA VAL A 212 -5.21 24.67 17.25
C VAL A 212 -5.30 23.75 16.05
N THR A 213 -4.87 22.49 16.21
CA THR A 213 -5.03 21.55 15.11
C THR A 213 -6.51 21.32 14.83
N ALA A 214 -7.32 21.27 15.88
CA ALA A 214 -8.75 21.10 15.69
C ALA A 214 -9.34 22.24 14.87
N GLN A 215 -8.94 23.48 15.18
CA GLN A 215 -9.39 24.60 14.37
C GLN A 215 -8.93 24.46 12.92
N PHE A 216 -7.63 24.24 12.73
CA PHE A 216 -7.03 24.08 11.42
C PHE A 216 -7.78 23.06 10.57
N ASN A 217 -8.18 21.94 11.16
CA ASN A 217 -8.87 20.91 10.41
C ASN A 217 -10.31 21.34 10.12
N ARG A 218 -11.06 21.73 11.17
CA ARG A 218 -12.42 22.24 10.99
C ARG A 218 -12.45 23.37 9.97
N ASN A 219 -11.34 24.07 9.81
CA ASN A 219 -11.30 25.20 8.88
C ASN A 219 -11.64 24.79 7.44
N VAL A 220 -11.40 23.53 7.07
CA VAL A 220 -11.66 23.15 5.69
C VAL A 220 -13.14 23.27 5.38
N LEU A 221 -13.98 23.07 6.40
CA LEU A 221 -15.42 23.23 6.20
C LEU A 221 -15.79 24.69 5.97
N ALA A 222 -15.17 25.62 6.70
CA ALA A 222 -15.41 27.04 6.47
C ALA A 222 -14.97 27.43 5.06
N VAL A 223 -13.81 26.93 4.63
CA VAL A 223 -13.34 27.21 3.28
C VAL A 223 -14.37 26.74 2.26
N ILE A 224 -14.85 25.49 2.38
CA ILE A 224 -15.83 24.95 1.44
C ILE A 224 -17.14 25.74 1.52
N ASN A 225 -17.58 26.06 2.74
CA ASN A 225 -18.76 26.92 2.88
C ASN A 225 -18.57 28.21 2.12
N ARG A 226 -17.42 28.89 2.30
CA ARG A 226 -17.25 30.22 1.72
C ARG A 226 -17.10 30.16 0.20
N GLU A 227 -16.35 29.19 -0.31
CA GLU A 227 -16.00 29.24 -1.71
C GLU A 227 -16.96 28.44 -2.60
N LEU A 228 -17.73 27.54 -2.03
CA LEU A 228 -18.72 26.77 -2.78
C LEU A 228 -20.10 27.00 -2.24
N GLU A 229 -20.25 27.88 -1.26
CA GLU A 229 -21.52 28.27 -0.65
C GLU A 229 -22.30 27.06 -0.16
N ALA A 230 -21.61 26.24 0.61
CA ALA A 230 -22.16 25.09 1.30
C ALA A 230 -22.64 25.54 2.67
N ASP A 231 -23.38 24.66 3.33
CA ASP A 231 -23.90 24.95 4.67
C ASP A 231 -23.45 23.95 5.74
N PHE A 232 -22.14 23.70 5.85
CA PHE A 232 -21.63 22.87 6.94
C PHE A 232 -21.83 23.58 8.27
N ASP A 233 -22.55 22.93 9.17
CA ASP A 233 -22.51 23.37 10.56
C ASP A 233 -21.11 23.12 11.13
N VAL A 234 -20.17 24.05 10.94
CA VAL A 234 -18.77 23.79 11.29
C VAL A 234 -18.64 23.32 12.73
N ASP A 235 -19.48 23.83 13.62
CA ASP A 235 -19.38 23.48 15.03
C ASP A 235 -19.93 22.09 15.34
N ALA A 236 -20.79 21.52 14.50
CA ALA A 236 -21.25 20.17 14.73
C ALA A 236 -20.27 19.10 14.24
N PHE A 237 -19.03 19.48 13.93
CA PHE A 237 -18.00 18.58 13.43
C PHE A 237 -16.76 18.57 14.34
N GLN A 238 -16.38 17.39 14.83
CA GLN A 238 -15.31 17.27 15.81
C GLN A 238 -14.00 16.85 15.15
N HIS A 239 -12.91 17.53 15.51
CA HIS A 239 -11.61 17.09 15.04
C HIS A 239 -11.22 15.81 15.77
N VAL A 240 -10.89 14.77 15.00
CA VAL A 240 -10.40 13.52 15.53
C VAL A 240 -9.06 13.20 14.89
N ALA A 241 -8.04 12.97 15.70
CA ALA A 241 -6.75 12.49 15.22
C ALA A 241 -6.65 11.00 15.48
N ARG A 242 -6.43 10.21 14.43
CA ARG A 242 -6.32 8.77 14.54
C ARG A 242 -4.97 8.26 14.07
N TRP A 243 -4.47 7.22 14.72
CA TRP A 243 -3.24 6.58 14.33
C TRP A 243 -3.63 5.25 13.70
N ASN A 244 -3.42 5.13 12.39
CA ASN A 244 -3.71 3.91 11.65
C ASN A 244 -2.50 3.01 11.80
N SER A 245 -2.59 1.98 12.63
CA SER A 245 -1.41 1.16 12.95
C SER A 245 -0.92 0.35 11.76
N ALA A 246 -1.83 -0.11 10.93
CA ALA A 246 -1.52 -0.98 9.79
C ALA A 246 -0.91 -0.21 8.66
N GLU A 247 -1.39 1.01 8.40
CA GLU A 247 -0.82 1.81 7.30
C GLU A 247 0.32 2.66 7.81
N GLU A 248 0.53 2.67 9.11
CA GLU A 248 1.58 3.46 9.76
C GLU A 248 1.45 4.89 9.30
N ARG A 249 0.35 5.51 9.60
CA ARG A 249 0.12 6.90 9.19
C ARG A 249 -0.88 7.55 10.12
N ILE A 250 -0.72 8.84 10.35
CA ILE A 250 -1.65 9.64 11.17
C ILE A 250 -2.79 10.03 10.24
N GLU A 251 -4.01 9.96 10.74
CA GLU A 251 -5.19 10.33 9.96
C GLU A 251 -5.92 11.44 10.71
N MET A 252 -6.27 12.50 9.99
CA MET A 252 -7.15 13.53 10.52
C MET A 252 -8.56 13.32 9.97
N TRP A 253 -9.50 13.13 10.87
CA TRP A 253 -10.89 12.97 10.50
C TRP A 253 -11.69 14.11 11.09
N LEU A 254 -12.88 14.33 10.55
CA LEU A 254 -13.88 15.20 11.15
C LEU A 254 -15.09 14.33 11.40
N ARG A 255 -15.43 14.17 12.68
CA ARG A 255 -16.62 13.44 13.10
C ARG A 255 -17.85 14.35 13.18
N ALA A 256 -18.94 13.92 12.54
CA ALA A 256 -20.21 14.61 12.62
C ALA A 256 -20.88 14.32 13.94
N ASP A 257 -21.29 15.36 14.66
CA ASP A 257 -22.10 15.21 15.88
C ASP A 257 -23.56 15.17 15.49
N GLY A 258 -24.13 13.96 15.43
CA GLY A 258 -25.48 13.86 14.97
C GLY A 258 -25.58 14.06 13.46
N ARG A 259 -26.61 13.47 12.85
CA ARG A 259 -26.82 13.54 11.40
C ARG A 259 -26.77 14.98 10.87
N GLN A 260 -26.10 15.13 9.72
CA GLN A 260 -25.98 16.41 9.03
C GLN A 260 -26.43 16.30 7.57
N ARG A 261 -27.17 17.33 7.13
CA ARG A 261 -27.45 17.57 5.72
C ARG A 261 -26.66 18.78 5.31
N VAL A 262 -25.81 18.59 4.29
CA VAL A 262 -24.96 19.64 3.77
C VAL A 262 -25.28 19.74 2.29
N ARG A 263 -25.81 20.88 1.90
CA ARG A 263 -25.99 21.22 0.49
C ARG A 263 -24.80 22.07 0.10
N VAL A 264 -24.04 21.60 -0.88
CA VAL A 264 -22.97 22.41 -1.43
C VAL A 264 -23.60 23.20 -2.58
N GLY A 265 -23.79 24.50 -2.34
CA GLY A 265 -24.45 25.39 -3.27
C GLY A 265 -23.86 25.26 -4.65
N ALA A 266 -22.64 25.77 -4.83
CA ALA A 266 -22.04 25.93 -6.15
C ALA A 266 -21.89 24.62 -6.91
N LEU A 267 -22.40 23.53 -6.36
CA LEU A 267 -22.23 22.22 -6.98
C LEU A 267 -23.53 21.49 -7.22
N ASP A 268 -24.66 22.01 -6.75
CA ASP A 268 -25.94 21.31 -6.85
C ASP A 268 -25.84 19.90 -6.25
N LEU A 269 -25.17 19.79 -5.09
CA LEU A 269 -24.95 18.51 -4.45
C LEU A 269 -25.36 18.55 -2.98
N THR A 270 -26.07 17.51 -2.55
CA THR A 270 -26.41 17.33 -1.15
C THR A 270 -25.82 16.02 -0.69
N VAL A 271 -25.19 16.02 0.48
CA VAL A 271 -24.56 14.83 1.04
C VAL A 271 -25.12 14.59 2.43
N ASP A 272 -25.14 13.33 2.84
CA ASP A 272 -25.67 12.93 4.13
C ASP A 272 -24.55 12.41 5.01
N PHE A 273 -24.45 12.96 6.22
CA PHE A 273 -23.56 12.48 7.26
C PHE A 273 -24.41 11.75 8.30
N ASP A 274 -24.21 10.43 8.41
CA ASP A 274 -24.74 9.72 9.56
C ASP A 274 -24.25 10.38 10.84
N ALA A 275 -25.03 10.26 11.90
CA ALA A 275 -24.54 10.71 13.20
C ALA A 275 -23.31 9.89 13.58
N GLY A 276 -22.23 10.58 13.95
CA GLY A 276 -20.96 9.96 14.27
C GLY A 276 -20.12 9.58 13.06
N GLU A 277 -20.56 9.93 11.85
CA GLU A 277 -19.83 9.60 10.63
C GLU A 277 -18.58 10.46 10.51
N GLU A 278 -17.49 9.85 10.08
CA GLU A 278 -16.18 10.49 10.03
C GLU A 278 -15.73 10.70 8.59
N MET A 279 -15.05 11.82 8.34
CA MET A 279 -14.58 12.18 7.00
C MET A 279 -13.07 12.39 7.03
N LEU A 280 -12.37 11.74 6.12
CA LEU A 280 -10.92 11.85 6.06
C LEU A 280 -10.53 13.16 5.41
N THR A 281 -9.85 14.03 6.16
CA THR A 281 -9.39 15.28 5.61
C THR A 281 -7.89 15.33 5.36
N GLU A 282 -7.11 14.44 5.97
CA GLU A 282 -5.67 14.43 5.77
C GLU A 282 -5.12 13.08 6.18
N VAL A 283 -4.14 12.59 5.44
CA VAL A 283 -3.28 11.51 5.90
C VAL A 283 -1.89 12.07 6.07
N SER A 284 -1.14 11.48 7.00
CA SER A 284 0.18 11.98 7.32
C SER A 284 1.03 10.74 7.60
N CYS A 285 1.65 10.21 6.54
CA CYS A 285 2.36 8.93 6.63
C CYS A 285 3.68 9.07 7.38
N LYS A 286 3.95 8.13 8.29
CA LYS A 286 5.19 8.07 9.04
C LYS A 286 6.10 6.99 8.46
N PHE A 287 7.40 7.23 8.51
CA PHE A 287 8.32 6.43 7.73
C PHE A 287 9.33 5.71 8.61
N ARG A 288 9.94 4.70 8.03
CA ARG A 288 11.07 4.00 8.59
C ARG A 288 12.31 4.27 7.76
N PRO A 289 13.45 4.49 8.41
CA PRO A 289 14.69 4.83 7.70
C PRO A 289 14.98 4.06 6.42
N GLN A 290 14.89 2.72 6.46
CA GLN A 290 15.20 1.90 5.30
C GLN A 290 14.18 2.11 4.19
N ALA A 291 12.92 2.24 4.56
CA ALA A 291 11.88 2.34 3.55
C ALA A 291 11.98 3.64 2.78
N VAL A 292 12.49 4.70 3.41
CA VAL A 292 12.67 5.94 2.66
C VAL A 292 13.75 5.75 1.61
N GLY A 293 14.88 5.15 1.99
CA GLY A 293 15.94 4.91 1.03
C GLY A 293 15.50 4.01 -0.12
N ALA A 294 14.60 3.06 0.17
CA ALA A 294 14.11 2.18 -0.88
C ALA A 294 13.13 2.90 -1.81
N GLU A 295 12.28 3.77 -1.26
CA GLU A 295 11.40 4.54 -2.14
C GLU A 295 12.22 5.44 -3.07
N LEU A 296 13.20 6.13 -2.51
CA LEU A 296 14.12 6.92 -3.32
C LEU A 296 14.75 6.07 -4.41
N ALA A 297 15.17 4.87 -4.05
CA ALA A 297 15.75 3.95 -5.02
C ALA A 297 14.73 3.57 -6.08
N ALA A 298 13.52 3.25 -5.64
CA ALA A 298 12.45 2.92 -6.58
C ALA A 298 12.25 4.04 -7.59
N ALA A 299 12.38 5.29 -7.16
CA ALA A 299 12.20 6.42 -8.07
C ALA A 299 13.41 6.68 -8.94
N GLY A 300 14.53 5.98 -8.73
CA GLY A 300 15.72 6.23 -9.50
C GLY A 300 16.69 7.22 -8.90
N LEU A 301 16.52 7.56 -7.62
CA LEU A 301 17.48 8.37 -6.89
C LEU A 301 18.24 7.49 -5.90
N HIS A 302 19.48 7.86 -5.65
CA HIS A 302 20.37 7.11 -4.78
C HIS A 302 20.62 7.96 -3.54
N ARG A 303 20.14 7.49 -2.38
CA ARG A 303 20.36 8.24 -1.14
C ARG A 303 21.82 8.16 -0.69
N ILE A 304 22.40 9.30 -0.34
CA ILE A 304 23.81 9.39 0.01
C ILE A 304 24.02 9.87 1.42
N ARG A 305 23.00 10.42 2.05
CA ARG A 305 23.07 10.88 3.42
C ARG A 305 21.70 10.68 4.05
N TRP A 306 21.70 10.15 5.26
CA TRP A 306 20.52 10.08 6.10
C TRP A 306 20.85 10.75 7.43
N TRP A 307 19.92 11.53 7.96
CA TRP A 307 20.13 12.20 9.24
C TRP A 307 18.86 12.14 10.06
N THR A 308 19.01 11.98 11.37
CA THR A 308 17.91 12.18 12.27
C THR A 308 18.29 13.25 13.27
N ASP A 309 17.29 13.72 13.99
CA ASP A 309 17.59 14.57 15.12
C ASP A 309 18.10 13.71 16.29
N GLU A 310 18.43 14.38 17.35
CA GLU A 310 18.96 13.75 18.57
C GLU A 310 18.07 12.63 19.08
N ALA A 311 16.76 12.79 18.96
CA ALA A 311 15.82 11.80 19.48
C ALA A 311 15.42 10.73 18.49
N GLY A 312 15.88 10.78 17.24
CA GLY A 312 15.35 9.86 16.24
C GLY A 312 13.90 10.11 15.92
N ASP A 313 13.42 11.35 16.11
CA ASP A 313 12.05 11.72 15.82
C ASP A 313 11.80 11.88 14.32
N PHE A 314 12.79 12.39 13.57
CA PHE A 314 12.55 12.90 12.24
C PHE A 314 13.78 12.65 11.41
N GLY A 315 13.58 12.44 10.11
CA GLY A 315 14.68 12.12 9.23
C GLY A 315 14.78 13.05 8.03
N LEU A 316 16.01 13.31 7.62
CA LEU A 316 16.28 14.02 6.39
C LEU A 316 17.11 13.12 5.49
N SER A 317 16.78 13.08 4.21
CA SER A 317 17.53 12.32 3.25
C SER A 317 18.11 13.27 2.24
N LEU A 318 19.36 13.00 1.84
CA LEU A 318 19.99 13.67 0.71
C LEU A 318 20.24 12.57 -0.31
N ALA A 319 19.54 12.63 -1.42
CA ALA A 319 19.67 11.64 -2.48
C ALA A 319 20.08 12.34 -3.77
N ALA A 320 20.84 11.64 -4.59
CA ALA A 320 21.41 12.16 -5.82
C ALA A 320 20.72 11.52 -7.01
N LYS A 321 20.69 12.24 -8.12
CA LYS A 321 20.23 11.61 -9.35
C LYS A 321 21.39 10.87 -10.00
N GLY B 1 5.76 -43.51 -13.92
CA GLY B 1 7.03 -42.86 -13.60
C GLY B 1 7.33 -42.84 -12.11
N PRO B 2 8.57 -42.54 -11.74
CA PRO B 2 8.94 -42.60 -10.32
C PRO B 2 8.39 -41.42 -9.55
N VAL B 3 7.98 -41.69 -8.31
CA VAL B 3 7.55 -40.68 -7.36
C VAL B 3 8.68 -40.40 -6.39
N SER B 4 8.81 -39.13 -5.99
CA SER B 4 9.66 -38.75 -4.88
C SER B 4 8.93 -37.68 -4.07
N VAL B 5 9.03 -37.76 -2.75
CA VAL B 5 8.63 -36.66 -1.90
C VAL B 5 9.86 -36.25 -1.11
N ALA B 6 10.18 -34.97 -1.14
CA ALA B 6 11.23 -34.42 -0.28
C ALA B 6 10.54 -33.52 0.74
N ASN B 7 10.72 -33.85 2.01
CA ASN B 7 10.03 -33.15 3.08
C ASN B 7 11.03 -32.22 3.75
N HIS B 8 10.86 -30.90 3.57
CA HIS B 8 11.72 -29.90 4.19
C HIS B 8 11.11 -29.23 5.41
N LEU B 9 9.95 -29.68 5.86
CA LEU B 9 9.32 -29.16 7.06
C LEU B 9 9.53 -30.14 8.21
N GLY B 10 10.13 -29.67 9.31
CA GLY B 10 10.15 -30.48 10.52
C GLY B 10 8.75 -30.84 10.96
N GLU B 11 8.63 -31.92 11.75
CA GLU B 11 7.31 -32.47 12.03
C GLU B 11 6.43 -31.47 12.77
N ASP B 12 7.05 -30.59 13.56
CA ASP B 12 6.35 -29.61 14.36
C ASP B 12 6.40 -28.20 13.76
N ALA B 13 6.85 -28.08 12.52
CA ALA B 13 6.90 -26.76 11.88
C ALA B 13 5.53 -26.09 11.88
N GLY B 14 4.49 -26.85 11.53
CA GLY B 14 3.15 -26.29 11.52
C GLY B 14 2.73 -25.75 12.89
N HIS B 15 2.90 -26.57 13.94
CA HIS B 15 2.44 -26.14 15.25
C HIS B 15 3.21 -24.91 15.71
N LEU B 16 4.50 -24.83 15.39
CA LEU B 16 5.29 -23.68 15.83
C LEU B 16 4.99 -22.45 14.98
N ALA B 17 4.73 -22.66 13.69
CA ALA B 17 4.19 -21.56 12.89
C ALA B 17 2.90 -21.05 13.49
N LEU B 18 2.02 -21.95 13.92
CA LEU B 18 0.74 -21.50 14.45
C LEU B 18 0.90 -20.72 15.74
N ARG B 19 1.77 -21.21 16.64
CA ARG B 19 1.95 -20.53 17.92
C ARG B 19 2.34 -19.09 17.70
N ARG B 20 3.29 -18.84 16.81
CA ARG B 20 3.81 -17.49 16.63
C ARG B 20 2.84 -16.60 15.86
N ASP B 21 2.18 -17.13 14.83
CA ASP B 21 1.20 -16.28 14.16
C ASP B 21 0.10 -15.86 15.12
N VAL B 22 -0.31 -16.76 16.03
CA VAL B 22 -1.39 -16.44 16.96
C VAL B 22 -0.89 -15.52 18.05
N TYR B 23 0.28 -15.83 18.62
CA TYR B 23 0.84 -14.96 19.63
C TYR B 23 1.00 -13.55 19.10
N SER B 24 1.51 -13.43 17.86
CA SER B 24 1.71 -12.13 17.23
C SER B 24 0.39 -11.42 16.94
N GLY B 25 -0.48 -12.07 16.15
CA GLY B 25 -1.64 -11.37 15.61
C GLY B 25 -2.74 -11.07 16.61
N LEU B 26 -2.98 -11.94 17.59
CA LEU B 26 -3.98 -11.63 18.60
C LEU B 26 -3.58 -10.51 19.50
N GLN B 27 -2.40 -9.96 19.28
CA GLN B 27 -1.86 -9.00 20.22
C GLN B 27 -1.48 -7.69 19.56
N LYS B 28 -1.91 -7.48 18.32
CA LYS B 28 -1.77 -6.23 17.59
C LYS B 28 -3.13 -5.57 17.40
N THR B 29 -3.10 -4.28 17.00
CA THR B 29 -4.31 -3.48 16.80
C THR B 29 -4.48 -3.14 15.32
N PRO B 30 -5.50 -3.68 14.65
CA PRO B 30 -6.45 -4.61 15.25
C PRO B 30 -5.92 -6.03 15.23
N LYS B 31 -6.56 -6.94 15.96
CA LYS B 31 -6.11 -8.32 15.97
C LYS B 31 -6.24 -8.89 14.56
N SER B 32 -5.26 -9.69 14.16
CA SER B 32 -5.27 -10.22 12.79
C SER B 32 -4.56 -11.55 12.76
N LEU B 33 -5.07 -12.47 11.95
CA LEU B 33 -4.50 -13.79 11.85
C LEU B 33 -4.23 -14.12 10.39
N PRO B 34 -3.12 -14.81 10.10
CA PRO B 34 -2.84 -15.18 8.71
C PRO B 34 -3.83 -16.21 8.22
N PRO B 35 -4.17 -16.19 6.93
CA PRO B 35 -5.21 -17.09 6.41
C PRO B 35 -4.74 -18.51 6.15
N LYS B 36 -3.45 -18.81 6.37
CA LYS B 36 -2.95 -20.15 6.10
C LYS B 36 -3.57 -21.20 7.02
N TRP B 37 -4.34 -20.77 8.01
CA TRP B 37 -4.78 -21.68 9.06
C TRP B 37 -6.22 -22.16 8.90
N PHE B 38 -6.98 -21.60 7.96
CA PHE B 38 -8.33 -22.09 7.69
C PHE B 38 -8.33 -23.56 7.25
N TYR B 39 -7.20 -24.08 6.78
CA TYR B 39 -7.18 -25.27 5.92
C TYR B 39 -6.79 -26.54 6.68
N ASP B 40 -7.44 -26.82 7.81
CA ASP B 40 -7.41 -28.17 8.38
C ASP B 40 -8.44 -29.03 7.64
N THR B 41 -8.72 -30.23 8.15
CA THR B 41 -9.60 -31.15 7.43
C THR B 41 -10.97 -30.54 7.20
N VAL B 42 -11.54 -29.96 8.26
CA VAL B 42 -12.83 -29.31 8.19
C VAL B 42 -12.81 -28.13 7.22
N GLY B 43 -11.87 -27.20 7.44
CA GLY B 43 -11.77 -26.04 6.56
C GLY B 43 -11.59 -26.42 5.10
N SER B 44 -10.83 -27.48 4.84
CA SER B 44 -10.58 -27.84 3.45
C SER B 44 -11.84 -28.31 2.76
N GLU B 45 -12.66 -29.12 3.42
CA GLU B 45 -13.89 -29.50 2.77
C GLU B 45 -14.93 -28.40 2.83
N LEU B 46 -14.76 -27.43 3.73
CA LEU B 46 -15.55 -26.21 3.60
C LEU B 46 -15.14 -25.43 2.36
N PHE B 47 -13.83 -25.25 2.17
CA PHE B 47 -13.36 -24.58 0.98
C PHE B 47 -13.88 -25.28 -0.28
N ASP B 48 -13.85 -26.60 -0.28
CA ASP B 48 -14.37 -27.34 -1.42
C ASP B 48 -15.82 -26.99 -1.68
N GLN B 49 -16.60 -26.77 -0.63
CA GLN B 49 -17.98 -26.35 -0.85
C GLN B 49 -18.04 -24.94 -1.41
N ILE B 50 -17.19 -24.06 -0.89
CA ILE B 50 -17.18 -22.68 -1.35
C ILE B 50 -16.97 -22.63 -2.86
N THR B 51 -16.04 -23.44 -3.38
CA THR B 51 -15.75 -23.36 -4.80
C THR B 51 -16.94 -23.76 -5.67
N ARG B 52 -17.97 -24.40 -5.11
CA ARG B 52 -19.13 -24.79 -5.90
C ARG B 52 -20.29 -23.84 -5.73
N LEU B 53 -20.16 -22.84 -4.87
CA LEU B 53 -21.25 -21.90 -4.68
C LEU B 53 -21.44 -21.07 -5.94
N PRO B 54 -22.69 -20.73 -6.28
CA PRO B 54 -22.89 -19.83 -7.43
C PRO B 54 -22.33 -18.46 -7.15
N GLU B 55 -22.23 -18.07 -5.88
CA GLU B 55 -21.67 -16.76 -5.57
C GLU B 55 -20.16 -16.75 -5.74
N TYR B 56 -19.48 -17.89 -5.57
CA TYR B 56 -18.02 -17.92 -5.66
C TYR B 56 -17.58 -18.19 -7.11
N TYR B 57 -17.63 -17.13 -7.91
CA TYR B 57 -17.22 -17.23 -9.30
C TYR B 57 -15.74 -17.59 -9.52
N PRO B 58 -14.77 -17.21 -8.66
CA PRO B 58 -13.36 -17.37 -9.06
C PRO B 58 -12.98 -18.76 -9.56
N THR B 59 -13.39 -19.82 -8.85
CA THR B 59 -13.04 -21.17 -9.30
C THR B 59 -13.57 -21.46 -10.70
N ARG B 60 -14.84 -21.11 -10.95
CA ARG B 60 -15.42 -21.39 -12.25
C ARG B 60 -14.83 -20.50 -13.34
N ALA B 61 -14.54 -19.24 -13.01
CA ALA B 61 -14.02 -18.32 -14.01
C ALA B 61 -12.64 -18.75 -14.48
N GLU B 62 -11.77 -19.14 -13.55
CA GLU B 62 -10.44 -19.62 -13.90
C GLU B 62 -10.53 -20.97 -14.62
N ALA B 63 -11.46 -21.84 -14.20
CA ALA B 63 -11.70 -23.09 -14.91
C ALA B 63 -12.05 -22.84 -16.36
N GLU B 64 -12.90 -21.83 -16.60
CA GLU B 64 -13.31 -21.47 -17.95
C GLU B 64 -12.10 -21.11 -18.82
N ILE B 65 -11.32 -20.12 -18.38
CA ILE B 65 -10.10 -19.73 -19.09
C ILE B 65 -9.20 -20.94 -19.33
N LEU B 66 -9.01 -21.77 -18.30
CA LEU B 66 -8.08 -22.88 -18.42
C LEU B 66 -8.57 -23.91 -19.43
N ARG B 67 -9.87 -24.21 -19.41
CA ARG B 67 -10.41 -25.16 -20.37
C ARG B 67 -10.24 -24.67 -21.79
N ALA B 68 -10.07 -23.36 -21.99
CA ALA B 68 -9.98 -22.77 -23.31
C ALA B 68 -8.54 -22.44 -23.74
N ARG B 69 -7.65 -22.11 -22.79
CA ARG B 69 -6.31 -21.62 -23.11
C ARG B 69 -5.20 -22.58 -22.76
N SER B 70 -5.48 -23.69 -22.07
CA SER B 70 -4.43 -24.58 -21.61
C SER B 70 -3.56 -25.06 -22.75
N ALA B 71 -4.16 -25.30 -23.92
CA ALA B 71 -3.33 -25.70 -25.05
C ALA B 71 -2.42 -24.56 -25.46
N GLU B 72 -2.95 -23.34 -25.46
CA GLU B 72 -2.09 -22.21 -25.81
C GLU B 72 -0.94 -22.10 -24.84
N VAL B 73 -1.23 -22.24 -23.55
CA VAL B 73 -0.19 -22.16 -22.52
C VAL B 73 0.92 -23.17 -22.83
N ALA B 74 0.54 -24.43 -23.04
CA ALA B 74 1.52 -25.47 -23.35
C ALA B 74 2.41 -25.07 -24.53
N SER B 75 1.80 -24.61 -25.63
CA SER B 75 2.59 -24.25 -26.83
C SER B 75 3.44 -23.00 -26.64
N ALA B 76 2.95 -22.01 -25.88
CA ALA B 76 3.73 -20.79 -25.65
C ALA B 76 4.90 -21.03 -24.70
N CYS B 77 4.68 -21.77 -23.62
CA CYS B 77 5.75 -22.00 -22.67
C CYS B 77 6.60 -23.20 -23.05
N ARG B 78 6.08 -24.12 -23.85
CA ARG B 78 6.85 -25.26 -24.35
C ARG B 78 7.43 -26.07 -23.20
N ALA B 79 6.80 -26.03 -22.03
CA ALA B 79 7.41 -26.59 -20.84
C ALA B 79 7.40 -28.12 -20.89
N ASP B 80 8.40 -28.71 -20.24
CA ASP B 80 8.38 -30.14 -20.02
C ASP B 80 8.10 -30.45 -18.57
N THR B 81 7.90 -29.43 -17.76
CA THR B 81 7.78 -29.62 -16.32
C THR B 81 6.76 -28.65 -15.76
N LEU B 82 5.82 -29.17 -14.99
CA LEU B 82 4.77 -28.39 -14.35
C LEU B 82 5.08 -28.28 -12.85
N VAL B 83 5.43 -27.09 -12.40
CA VAL B 83 5.63 -26.82 -10.98
C VAL B 83 4.37 -26.15 -10.47
N GLU B 84 3.63 -26.80 -9.59
CA GLU B 84 2.42 -26.23 -9.02
C GLU B 84 2.71 -25.70 -7.61
N LEU B 85 2.44 -24.41 -7.39
CA LEU B 85 2.44 -23.86 -6.03
C LEU B 85 1.04 -24.07 -5.49
N GLY B 86 0.87 -25.20 -4.81
CA GLY B 86 -0.43 -25.77 -4.53
C GLY B 86 -0.29 -27.28 -4.43
N SER B 87 -1.34 -27.90 -3.89
CA SER B 87 -1.26 -29.32 -3.55
C SER B 87 -1.35 -30.26 -4.76
N GLY B 88 -1.75 -29.76 -5.94
CA GLY B 88 -1.88 -30.62 -7.11
C GLY B 88 -3.16 -31.41 -7.22
N THR B 89 -4.23 -31.01 -6.52
CA THR B 89 -5.47 -31.78 -6.44
C THR B 89 -6.52 -31.27 -7.42
N SER B 90 -6.34 -30.08 -7.97
CA SER B 90 -7.36 -29.46 -8.80
C SER B 90 -7.66 -30.29 -10.04
N GLU B 91 -8.89 -30.14 -10.52
CA GLU B 91 -9.21 -30.47 -11.90
C GLU B 91 -8.33 -29.65 -12.85
N LYS B 92 -8.00 -28.42 -12.45
CA LYS B 92 -7.18 -27.54 -13.27
C LYS B 92 -5.79 -28.09 -13.45
N THR B 93 -5.28 -28.77 -12.44
CA THR B 93 -4.01 -29.47 -12.55
C THR B 93 -4.01 -30.43 -13.72
N ARG B 94 -5.12 -31.16 -13.91
CA ARG B 94 -5.20 -32.09 -15.03
C ARG B 94 -5.20 -31.36 -16.37
N MET B 95 -5.94 -30.25 -16.47
CA MET B 95 -5.99 -29.52 -17.72
C MET B 95 -4.59 -29.14 -18.19
N LEU B 96 -3.77 -28.67 -17.26
CA LEU B 96 -2.42 -28.28 -17.62
C LEU B 96 -1.56 -29.51 -17.87
N LEU B 97 -1.68 -30.52 -17.02
CA LEU B 97 -0.94 -31.76 -17.26
C LEU B 97 -1.35 -32.37 -18.60
N ASP B 98 -2.65 -32.27 -18.93
CA ASP B 98 -3.12 -32.83 -20.19
C ASP B 98 -2.57 -32.04 -21.38
N ALA B 99 -2.55 -30.70 -21.26
CA ALA B 99 -2.07 -29.87 -22.37
C ALA B 99 -0.61 -30.19 -22.68
N LEU B 100 0.21 -30.36 -21.64
CA LEU B 100 1.61 -30.71 -21.86
C LEU B 100 1.74 -32.13 -22.40
N ARG B 101 0.98 -33.07 -21.84
CA ARG B 101 1.03 -34.43 -22.32
C ARG B 101 0.56 -34.50 -23.77
N HIS B 102 -0.46 -33.70 -24.14
CA HIS B 102 -0.96 -33.70 -25.52
C HIS B 102 0.08 -33.21 -26.51
N ARG B 103 0.85 -32.19 -26.13
CA ARG B 103 2.00 -31.82 -26.94
C ARG B 103 3.12 -32.84 -26.86
N GLY B 104 2.99 -33.86 -26.01
CA GLY B 104 4.04 -34.82 -25.88
C GLY B 104 5.26 -34.31 -25.12
N SER B 105 5.14 -33.20 -24.39
CA SER B 105 6.30 -32.64 -23.71
C SER B 105 6.13 -32.67 -22.19
N LEU B 106 5.43 -33.64 -21.64
CA LEU B 106 5.27 -33.66 -20.18
C LEU B 106 6.22 -34.67 -19.57
N ARG B 107 7.29 -34.21 -18.91
CA ARG B 107 8.30 -35.16 -18.36
C ARG B 107 8.31 -35.14 -16.83
N ARG B 108 7.84 -34.07 -16.21
CA ARG B 108 7.89 -34.02 -14.72
C ARG B 108 6.82 -33.09 -14.14
N PHE B 109 6.25 -33.50 -13.01
CA PHE B 109 5.25 -32.76 -12.23
C PHE B 109 5.86 -32.50 -10.87
N VAL B 110 5.90 -31.24 -10.47
CA VAL B 110 6.47 -30.86 -9.18
C VAL B 110 5.42 -30.13 -8.36
N PRO B 111 4.56 -30.84 -7.62
CA PRO B 111 3.69 -30.17 -6.65
C PRO B 111 4.49 -29.71 -5.46
N PHE B 112 4.19 -28.48 -5.01
CA PHE B 112 4.91 -27.79 -3.94
C PHE B 112 3.85 -27.30 -2.96
N ASP B 113 3.81 -27.88 -1.78
CA ASP B 113 2.86 -27.43 -0.76
C ASP B 113 3.40 -27.83 0.60
N VAL B 114 2.64 -27.50 1.65
CA VAL B 114 3.09 -27.69 3.01
C VAL B 114 2.56 -28.97 3.67
N ASP B 115 1.62 -29.67 3.05
CA ASP B 115 1.01 -30.84 3.68
C ASP B 115 1.53 -32.10 3.01
N ALA B 116 2.62 -32.65 3.54
CA ALA B 116 3.27 -33.82 2.93
C ALA B 116 2.30 -34.96 2.73
N SER B 117 1.29 -35.04 3.59
CA SER B 117 0.30 -36.10 3.41
C SER B 117 -0.54 -35.85 2.16
N VAL B 118 -0.86 -34.59 1.85
CA VAL B 118 -1.61 -34.30 0.64
C VAL B 118 -0.73 -34.44 -0.61
N LEU B 119 0.55 -34.05 -0.51
CA LEU B 119 1.48 -34.25 -1.62
C LEU B 119 1.60 -35.71 -1.99
N SER B 120 1.74 -36.59 -0.98
CA SER B 120 1.78 -38.03 -1.20
C SER B 120 0.56 -38.51 -1.99
N ALA B 121 -0.63 -38.05 -1.62
CA ALA B 121 -1.82 -38.55 -2.29
C ALA B 121 -1.90 -37.97 -3.69
N THR B 122 -1.51 -36.71 -3.85
CA THR B 122 -1.42 -36.14 -5.19
C THR B 122 -0.45 -36.93 -6.04
N ALA B 123 0.74 -37.21 -5.51
CA ALA B 123 1.76 -37.89 -6.30
C ALA B 123 1.33 -39.31 -6.65
N THR B 124 0.63 -39.98 -5.74
CA THR B 124 0.21 -41.35 -6.03
C THR B 124 -0.82 -41.36 -7.13
N ALA B 125 -1.73 -40.37 -7.11
CA ALA B 125 -2.82 -40.32 -8.07
C ALA B 125 -2.33 -39.89 -9.45
N ILE B 126 -1.39 -38.93 -9.49
CA ILE B 126 -0.81 -38.53 -10.77
C ILE B 126 0.01 -39.67 -11.34
N GLN B 127 0.69 -40.44 -10.49
CA GLN B 127 1.48 -41.56 -10.98
C GLN B 127 0.58 -42.59 -11.65
N ARG B 128 -0.64 -42.77 -11.14
CA ARG B 128 -1.58 -43.72 -11.75
C ARG B 128 -2.15 -43.17 -13.05
N GLU B 129 -2.38 -41.87 -13.14
CA GLU B 129 -3.05 -41.34 -14.32
C GLU B 129 -2.09 -40.95 -15.44
N TYR B 130 -0.82 -40.72 -15.14
CA TYR B 130 0.12 -40.19 -16.14
C TYR B 130 1.35 -41.07 -16.14
N SER B 131 1.35 -42.07 -17.00
CA SER B 131 2.53 -42.89 -17.16
C SER B 131 3.66 -42.05 -17.76
N GLY B 132 4.89 -42.37 -17.40
CA GLY B 132 5.98 -41.63 -17.97
C GLY B 132 6.20 -40.26 -17.37
N VAL B 133 5.53 -39.91 -16.29
CA VAL B 133 5.75 -38.63 -15.64
C VAL B 133 6.48 -38.88 -14.33
N GLU B 134 7.63 -38.24 -14.17
CA GLU B 134 8.26 -38.19 -12.87
C GLU B 134 7.53 -37.18 -12.00
N ILE B 135 7.09 -37.61 -10.82
CA ILE B 135 6.50 -36.71 -9.85
C ILE B 135 7.52 -36.44 -8.76
N ASN B 136 7.94 -35.18 -8.63
CA ASN B 136 8.86 -34.78 -7.58
C ASN B 136 8.12 -33.80 -6.68
N ALA B 137 7.42 -34.32 -5.69
CA ALA B 137 6.71 -33.48 -4.75
C ALA B 137 7.67 -32.90 -3.71
N VAL B 138 7.45 -31.63 -3.36
CA VAL B 138 8.29 -30.88 -2.43
C VAL B 138 7.41 -30.36 -1.30
N CYS B 139 7.71 -30.79 -0.08
CA CYS B 139 7.08 -30.24 1.11
C CYS B 139 7.92 -29.05 1.60
N GLY B 140 7.36 -27.85 1.47
CA GLY B 140 8.04 -26.66 1.93
C GLY B 140 7.09 -25.48 1.89
N ASP B 141 7.63 -24.30 2.20
CA ASP B 141 6.90 -23.04 2.13
C ASP B 141 7.65 -22.06 1.23
N PHE B 142 6.92 -21.03 0.74
CA PHE B 142 7.52 -20.07 -0.18
C PHE B 142 8.68 -19.30 0.47
N GLU B 143 8.64 -19.10 1.79
CA GLU B 143 9.64 -18.29 2.47
C GLU B 143 11.02 -18.91 2.43
N GLU B 144 11.13 -20.21 2.22
CA GLU B 144 12.42 -20.86 2.46
C GLU B 144 12.84 -21.86 1.41
N HIS B 145 11.92 -22.53 0.71
CA HIS B 145 12.30 -23.72 -0.03
C HIS B 145 11.98 -23.60 -1.51
N LEU B 146 11.74 -22.39 -2.00
CA LEU B 146 11.62 -22.25 -3.45
C LEU B 146 12.84 -22.81 -4.16
N THR B 147 14.01 -22.66 -3.56
CA THR B 147 15.22 -23.20 -4.16
C THR B 147 15.28 -24.73 -4.13
N GLU B 148 14.46 -25.36 -3.28
CA GLU B 148 14.41 -26.83 -3.24
C GLU B 148 13.55 -27.41 -4.36
N ILE B 149 12.96 -26.58 -5.20
CA ILE B 149 12.27 -27.06 -6.40
C ILE B 149 13.32 -27.60 -7.38
N PRO B 150 13.18 -28.83 -7.89
CA PRO B 150 14.26 -29.41 -8.70
C PRO B 150 14.54 -28.57 -9.93
N ARG B 151 15.73 -28.75 -10.47
CA ARG B 151 16.26 -27.85 -11.47
C ARG B 151 16.14 -28.50 -12.84
N GLY B 152 16.28 -27.66 -13.87
CA GLY B 152 16.45 -28.11 -15.24
C GLY B 152 15.15 -28.46 -15.95
N GLY B 153 15.27 -28.71 -17.25
CA GLY B 153 14.12 -28.76 -18.13
C GLY B 153 13.51 -27.37 -18.26
N ARG B 154 12.42 -27.30 -18.99
CA ARG B 154 11.74 -26.01 -19.19
C ARG B 154 10.52 -26.03 -18.28
N ARG B 155 10.51 -25.17 -17.28
CA ARG B 155 9.53 -25.29 -16.22
C ARG B 155 8.44 -24.23 -16.32
N LEU B 156 7.19 -24.68 -16.22
CA LEU B 156 6.04 -23.80 -16.09
C LEU B 156 5.61 -23.79 -14.63
N PHE B 157 5.77 -22.66 -13.96
CA PHE B 157 5.33 -22.52 -12.59
C PHE B 157 3.89 -22.05 -12.58
N VAL B 158 3.07 -22.64 -11.71
CA VAL B 158 1.63 -22.41 -11.72
C VAL B 158 1.18 -21.99 -10.34
N PHE B 159 0.41 -20.90 -10.28
CA PHE B 159 0.00 -20.34 -9.00
C PHE B 159 -1.40 -19.72 -9.19
N LEU B 160 -2.41 -20.57 -9.08
CA LEU B 160 -3.75 -20.29 -9.58
C LEU B 160 -4.65 -19.71 -8.51
N GLY B 161 -5.94 -19.57 -8.84
CA GLY B 161 -7.00 -19.30 -7.88
C GLY B 161 -6.94 -17.96 -7.18
N SER B 162 -6.08 -17.04 -7.65
CA SER B 162 -5.90 -15.73 -7.03
C SER B 162 -5.36 -15.87 -5.61
N THR B 163 -4.61 -16.96 -5.36
CA THR B 163 -3.99 -17.15 -4.06
C THR B 163 -3.05 -16.00 -3.76
N ILE B 164 -2.37 -15.47 -4.80
CA ILE B 164 -1.47 -14.34 -4.61
C ILE B 164 -2.22 -13.15 -4.02
N GLY B 165 -3.52 -13.05 -4.26
CA GLY B 165 -4.28 -11.98 -3.64
C GLY B 165 -4.30 -12.07 -2.13
N ASN B 166 -3.93 -13.23 -1.59
CA ASN B 166 -3.94 -13.47 -0.14
C ASN B 166 -2.76 -12.78 0.53
N LEU B 167 -1.88 -12.24 -0.29
CA LEU B 167 -0.72 -11.48 0.18
C LEU B 167 -0.94 -10.02 -0.09
N THR B 168 -0.63 -9.17 0.88
CA THR B 168 -0.65 -7.73 0.71
C THR B 168 0.54 -7.28 -0.11
N PRO B 169 0.48 -6.08 -0.72
CA PRO B 169 1.49 -5.72 -1.72
C PRO B 169 2.93 -5.96 -1.29
N GLY B 170 3.27 -5.67 -0.02
CA GLY B 170 4.62 -5.85 0.48
C GLY B 170 5.11 -7.28 0.40
N PRO B 171 4.47 -8.18 1.15
CA PRO B 171 4.77 -9.62 0.97
C PRO B 171 4.61 -10.09 -0.47
N ARG B 172 3.72 -9.44 -1.25
CA ARG B 172 3.44 -9.91 -2.60
C ARG B 172 4.60 -9.64 -3.55
N ALA B 173 5.13 -8.42 -3.55
CA ALA B 173 6.31 -8.16 -4.36
C ALA B 173 7.47 -9.01 -3.89
N GLN B 174 7.49 -9.31 -2.60
CA GLN B 174 8.61 -10.07 -2.06
C GLN B 174 8.51 -11.53 -2.46
N PHE B 175 7.29 -12.06 -2.57
CA PHE B 175 7.15 -13.43 -3.04
C PHE B 175 7.50 -13.53 -4.52
N LEU B 176 6.99 -12.59 -5.33
CA LEU B 176 7.25 -12.62 -6.77
C LEU B 176 8.72 -12.37 -7.08
N THR B 177 9.40 -11.54 -6.30
CA THR B 177 10.83 -11.40 -6.51
C THR B 177 11.52 -12.74 -6.21
N ALA B 178 11.11 -13.38 -5.12
CA ALA B 178 11.72 -14.64 -4.73
C ALA B 178 11.46 -15.72 -5.77
N LEU B 179 10.24 -15.76 -6.33
CA LEU B 179 9.92 -16.79 -7.33
C LEU B 179 10.69 -16.55 -8.63
N ALA B 180 10.68 -15.32 -9.14
CA ALA B 180 11.49 -15.02 -10.33
C ALA B 180 12.94 -15.37 -10.10
N GLY B 181 13.40 -15.29 -8.85
CA GLY B 181 14.80 -15.57 -8.56
C GLY B 181 15.17 -17.02 -8.77
N VAL B 182 14.25 -17.95 -8.48
CA VAL B 182 14.51 -19.37 -8.69
C VAL B 182 14.15 -19.84 -10.09
N MET B 183 13.62 -18.95 -10.92
CA MET B 183 13.22 -19.33 -12.27
C MET B 183 14.42 -19.19 -13.21
N ARG B 184 14.49 -20.03 -14.14
CA ARG B 184 15.58 -20.02 -15.09
C ARG B 184 15.10 -19.43 -16.41
N PRO B 185 15.95 -18.72 -17.15
CA PRO B 185 15.51 -18.15 -18.42
C PRO B 185 14.82 -19.18 -19.28
N GLY B 186 13.66 -18.81 -19.84
CA GLY B 186 12.83 -19.74 -20.59
C GLY B 186 11.79 -20.46 -19.76
N ASP B 187 11.89 -20.42 -18.44
CA ASP B 187 10.82 -20.85 -17.55
C ASP B 187 9.72 -19.79 -17.54
N SER B 188 8.53 -20.23 -17.14
CA SER B 188 7.36 -19.36 -17.24
C SER B 188 6.45 -19.55 -16.05
N LEU B 189 5.60 -18.56 -15.81
CA LEU B 189 4.71 -18.55 -14.66
C LEU B 189 3.29 -18.28 -15.14
N LEU B 190 2.36 -19.14 -14.74
CA LEU B 190 0.95 -18.88 -14.93
C LEU B 190 0.37 -18.36 -13.62
N LEU B 191 -0.15 -17.16 -13.62
CA LEU B 191 -0.64 -16.53 -12.41
C LEU B 191 -2.12 -16.21 -12.58
N GLY B 192 -2.94 -16.65 -11.61
CA GLY B 192 -4.36 -16.30 -11.59
C GLY B 192 -4.61 -15.15 -10.63
N THR B 193 -5.45 -14.20 -11.07
CA THR B 193 -5.76 -13.03 -10.26
C THR B 193 -7.22 -12.64 -10.48
N ASP B 194 -7.97 -12.58 -9.37
CA ASP B 194 -9.33 -12.06 -9.42
C ASP B 194 -9.30 -10.55 -9.62
N LEU B 195 -10.14 -10.08 -10.54
CA LEU B 195 -10.10 -8.69 -11.01
C LEU B 195 -11.08 -7.84 -10.24
N VAL B 196 -10.76 -6.55 -10.14
CA VAL B 196 -11.67 -5.58 -9.55
C VAL B 196 -12.98 -5.59 -10.33
N LYS B 197 -14.09 -5.52 -9.60
CA LYS B 197 -15.41 -5.59 -10.23
C LYS B 197 -16.41 -4.93 -9.28
N ASP B 198 -17.69 -5.07 -9.59
CA ASP B 198 -18.74 -4.50 -8.74
C ASP B 198 -18.58 -4.97 -7.29
N ALA B 199 -18.55 -4.02 -6.36
CA ALA B 199 -18.26 -4.37 -4.97
C ALA B 199 -19.33 -5.29 -4.36
N ALA B 200 -20.60 -5.07 -4.68
CA ALA B 200 -21.66 -5.93 -4.14
C ALA B 200 -21.49 -7.38 -4.59
N ARG B 201 -21.04 -7.57 -5.82
CA ARG B 201 -20.69 -8.93 -6.25
C ARG B 201 -19.52 -9.45 -5.44
N LEU B 202 -18.53 -8.60 -5.18
CA LEU B 202 -17.37 -9.04 -4.42
C LEU B 202 -17.78 -9.46 -3.02
N VAL B 203 -18.59 -8.64 -2.36
CA VAL B 203 -18.94 -8.96 -0.98
C VAL B 203 -19.79 -10.21 -0.92
N ARG B 204 -20.72 -10.35 -1.87
CA ARG B 204 -21.54 -11.55 -1.92
C ARG B 204 -20.68 -12.80 -2.07
N ALA B 205 -19.62 -12.71 -2.88
CA ALA B 205 -18.74 -13.87 -3.08
C ALA B 205 -18.08 -14.33 -1.79
N TYR B 206 -17.93 -13.46 -0.79
CA TYR B 206 -17.26 -13.85 0.44
C TYR B 206 -18.21 -13.88 1.62
N ASP B 207 -19.51 -13.93 1.36
CA ASP B 207 -20.53 -14.12 2.38
C ASP B 207 -21.75 -14.73 1.72
N ASP B 208 -21.61 -15.97 1.26
CA ASP B 208 -22.71 -16.68 0.64
C ASP B 208 -23.88 -16.75 1.62
N PRO B 209 -25.10 -16.68 1.12
CA PRO B 209 -26.25 -16.59 2.04
C PRO B 209 -26.38 -17.78 2.97
N GLY B 210 -26.17 -19.00 2.49
CA GLY B 210 -26.23 -20.16 3.37
C GLY B 210 -25.12 -20.24 4.42
N GLY B 211 -24.13 -19.36 4.36
CA GLY B 211 -23.13 -19.26 5.42
C GLY B 211 -21.98 -20.25 5.39
N VAL B 212 -21.67 -20.84 4.23
CA VAL B 212 -20.49 -21.69 4.14
C VAL B 212 -19.22 -20.87 4.35
N THR B 213 -19.13 -19.68 3.75
CA THR B 213 -17.95 -18.87 3.99
C THR B 213 -17.87 -18.47 5.44
N ALA B 214 -19.02 -18.21 6.05
CA ALA B 214 -19.07 -17.89 7.46
C ALA B 214 -18.52 -19.02 8.30
N GLN B 215 -18.90 -20.25 7.99
CA GLN B 215 -18.33 -21.40 8.69
C GLN B 215 -16.83 -21.45 8.49
N PHE B 216 -16.38 -21.40 7.23
CA PHE B 216 -14.97 -21.46 6.88
C PHE B 216 -14.16 -20.47 7.70
N ASN B 217 -14.67 -19.26 7.88
CA ASN B 217 -13.94 -18.25 8.61
C ASN B 217 -13.95 -18.50 10.11
N ARG B 218 -15.16 -18.70 10.68
CA ARG B 218 -15.27 -19.08 12.10
C ARG B 218 -14.45 -20.33 12.41
N ASN B 219 -14.20 -21.18 11.41
CA ASN B 219 -13.44 -22.38 11.68
C ASN B 219 -12.03 -22.10 12.21
N VAL B 220 -11.46 -20.93 11.88
CA VAL B 220 -10.09 -20.66 12.34
C VAL B 220 -10.07 -20.61 13.86
N LEU B 221 -11.18 -20.21 14.48
CA LEU B 221 -11.25 -20.21 15.93
C LEU B 221 -11.29 -21.64 16.49
N ALA B 222 -12.03 -22.53 15.83
CA ALA B 222 -12.02 -23.93 16.26
C ALA B 222 -10.62 -24.52 16.14
N VAL B 223 -9.91 -24.21 15.06
CA VAL B 223 -8.53 -24.69 14.91
C VAL B 223 -7.66 -24.20 16.06
N ILE B 224 -7.72 -22.90 16.35
CA ILE B 224 -6.91 -22.32 17.43
C ILE B 224 -7.33 -22.91 18.79
N ASN B 225 -8.63 -23.07 19.00
CA ASN B 225 -9.10 -23.70 20.22
C ASN B 225 -8.49 -25.08 20.38
N ARG B 226 -8.57 -25.90 19.32
CA ARG B 226 -8.13 -27.29 19.45
C ARG B 226 -6.61 -27.39 19.58
N GLU B 227 -5.87 -26.64 18.79
CA GLU B 227 -4.44 -26.87 18.70
C GLU B 227 -3.64 -26.03 19.66
N LEU B 228 -4.22 -24.97 20.20
CA LEU B 228 -3.56 -24.09 21.16
C LEU B 228 -4.35 -24.02 22.45
N GLU B 229 -5.30 -24.92 22.66
CA GLU B 229 -6.12 -24.98 23.91
C GLU B 229 -6.76 -23.63 24.25
N ALA B 230 -7.45 -23.01 23.30
CA ALA B 230 -8.09 -21.71 23.54
C ALA B 230 -9.56 -21.86 23.97
N ASP B 231 -10.18 -20.79 24.43
CA ASP B 231 -11.59 -20.88 24.86
C ASP B 231 -12.41 -19.87 24.07
N PHE B 232 -12.23 -19.84 22.76
CA PHE B 232 -13.04 -18.98 21.89
C PHE B 232 -14.48 -19.47 21.88
N ASP B 233 -15.40 -18.61 22.30
CA ASP B 233 -16.81 -18.82 22.03
C ASP B 233 -17.04 -18.64 20.54
N VAL B 234 -16.82 -19.72 19.78
CA VAL B 234 -16.84 -19.64 18.31
C VAL B 234 -18.17 -19.06 17.81
N ASP B 235 -19.27 -19.39 18.49
CA ASP B 235 -20.58 -18.93 18.06
C ASP B 235 -20.81 -17.45 18.34
N ALA B 236 -20.05 -16.85 19.25
CA ALA B 236 -20.17 -15.42 19.54
C ALA B 236 -19.35 -14.55 18.60
N PHE B 237 -18.82 -15.09 17.50
CA PHE B 237 -18.07 -14.31 16.53
C PHE B 237 -18.78 -14.40 15.18
N GLN B 238 -19.16 -13.23 14.63
CA GLN B 238 -19.95 -13.17 13.40
C GLN B 238 -19.02 -12.96 12.22
N HIS B 239 -19.24 -13.72 11.16
CA HIS B 239 -18.45 -13.51 9.94
C HIS B 239 -18.89 -12.22 9.28
N VAL B 240 -17.94 -11.33 9.03
CA VAL B 240 -18.18 -10.12 8.26
C VAL B 240 -17.25 -10.12 7.06
N ALA B 241 -17.82 -9.98 5.86
CA ALA B 241 -17.04 -9.72 4.66
C ALA B 241 -17.10 -8.23 4.35
N ARG B 242 -15.95 -7.58 4.29
CA ARG B 242 -15.86 -6.16 3.98
C ARG B 242 -15.08 -5.95 2.69
N TRP B 243 -15.48 -4.90 1.96
CA TRP B 243 -14.79 -4.49 0.75
C TRP B 243 -14.06 -3.19 1.05
N ASN B 244 -12.73 -3.24 0.99
CA ASN B 244 -11.88 -2.05 1.17
C ASN B 244 -11.66 -1.39 -0.19
N SER B 245 -12.40 -0.31 -0.47
CA SER B 245 -12.32 0.31 -1.79
C SER B 245 -10.96 0.95 -2.03
N ALA B 246 -10.36 1.57 -0.99
CA ALA B 246 -9.07 2.24 -1.16
C ALA B 246 -7.94 1.25 -1.46
N GLU B 247 -7.88 0.13 -0.75
CA GLU B 247 -6.86 -0.86 -1.02
C GLU B 247 -7.26 -1.84 -2.12
N GLU B 248 -8.50 -1.75 -2.60
CA GLU B 248 -9.07 -2.66 -3.60
C GLU B 248 -8.83 -4.12 -3.23
N ARG B 249 -9.44 -4.52 -2.12
CA ARG B 249 -9.36 -5.88 -1.63
C ARG B 249 -10.56 -6.20 -0.75
N ILE B 250 -11.00 -7.46 -0.84
CA ILE B 250 -11.94 -8.03 0.13
C ILE B 250 -11.22 -8.29 1.44
N GLU B 251 -11.93 -8.09 2.55
CA GLU B 251 -11.41 -8.42 3.86
C GLU B 251 -12.44 -9.29 4.59
N MET B 252 -11.96 -10.41 5.12
CA MET B 252 -12.76 -11.26 5.99
C MET B 252 -12.44 -10.93 7.44
N TRP B 253 -13.47 -10.53 8.20
CA TRP B 253 -13.34 -10.19 9.61
C TRP B 253 -14.17 -11.13 10.47
N LEU B 254 -13.88 -11.12 11.78
CA LEU B 254 -14.75 -11.73 12.78
C LEU B 254 -15.15 -10.64 13.78
N ARG B 255 -16.45 -10.43 13.90
CA ARG B 255 -16.97 -9.42 14.84
C ARG B 255 -17.45 -10.14 16.07
N ALA B 256 -16.97 -9.70 17.21
CA ALA B 256 -17.33 -10.28 18.51
C ALA B 256 -18.64 -9.70 18.94
N ASP B 257 -19.58 -10.57 19.28
CA ASP B 257 -20.84 -10.13 19.85
C ASP B 257 -20.65 -9.94 21.34
N GLY B 258 -20.55 -8.69 21.77
CA GLY B 258 -20.29 -8.43 23.18
C GLY B 258 -18.87 -8.72 23.58
N ARG B 259 -18.39 -8.06 24.65
CA ARG B 259 -17.01 -8.24 25.11
C ARG B 259 -16.65 -9.72 25.28
N GLN B 260 -15.46 -10.10 24.82
CA GLN B 260 -14.93 -11.46 24.94
C GLN B 260 -13.59 -11.44 25.66
N ARG B 261 -13.40 -12.40 26.58
CA ARG B 261 -12.08 -12.69 27.12
C ARG B 261 -11.70 -14.09 26.66
N VAL B 262 -10.59 -14.20 25.94
CA VAL B 262 -10.13 -15.46 25.39
C VAL B 262 -8.74 -15.74 25.90
N ARG B 263 -8.60 -16.87 26.60
CA ARG B 263 -7.33 -17.38 27.08
C ARG B 263 -6.84 -18.44 26.11
N VAL B 264 -5.67 -18.22 25.51
CA VAL B 264 -5.03 -19.26 24.71
C VAL B 264 -4.04 -19.99 25.61
N GLY B 265 -4.41 -21.22 25.99
CA GLY B 265 -3.61 -22.04 26.87
C GLY B 265 -2.16 -22.12 26.44
N ALA B 266 -1.90 -22.89 25.38
CA ALA B 266 -0.55 -23.26 24.97
C ALA B 266 0.41 -22.08 24.85
N LEU B 267 -0.05 -20.85 25.16
CA LEU B 267 0.78 -19.66 25.04
C LEU B 267 0.78 -18.78 26.28
N ASP B 268 -0.02 -19.11 27.30
CA ASP B 268 -0.15 -18.26 28.49
C ASP B 268 -0.53 -16.83 28.10
N LEU B 269 -1.50 -16.71 27.22
CA LEU B 269 -1.90 -15.39 26.74
C LEU B 269 -3.40 -15.21 26.92
N THR B 270 -3.77 -14.03 27.41
CA THR B 270 -5.16 -13.60 27.49
C THR B 270 -5.32 -12.35 26.66
N VAL B 271 -6.36 -12.34 25.82
CA VAL B 271 -6.68 -11.19 24.97
C VAL B 271 -8.11 -10.77 25.26
N ASP B 272 -8.37 -9.49 25.07
CA ASP B 272 -9.69 -8.94 25.25
C ASP B 272 -10.23 -8.36 23.94
N PHE B 273 -11.44 -8.79 23.60
CA PHE B 273 -12.20 -8.23 22.49
C PHE B 273 -13.27 -7.31 23.06
N ASP B 274 -13.18 -6.02 22.77
CA ASP B 274 -14.29 -5.13 23.01
C ASP B 274 -15.54 -5.67 22.32
N ALA B 275 -16.70 -5.31 22.86
CA ALA B 275 -17.95 -5.68 22.20
C ALA B 275 -17.98 -5.08 20.80
N GLY B 276 -18.27 -5.91 19.80
CA GLY B 276 -18.28 -5.45 18.42
C GLY B 276 -16.92 -5.30 17.78
N GLU B 277 -15.84 -5.71 18.47
CA GLU B 277 -14.51 -5.58 17.93
C GLU B 277 -14.28 -6.60 16.81
N GLU B 278 -13.59 -6.16 15.76
CA GLU B 278 -13.40 -6.98 14.59
C GLU B 278 -11.93 -7.39 14.47
N MET B 279 -11.71 -8.62 14.00
CA MET B 279 -10.39 -9.22 13.81
C MET B 279 -10.20 -9.63 12.35
N LEU B 280 -9.08 -9.22 11.76
CA LEU B 280 -8.81 -9.54 10.37
C LEU B 280 -8.31 -10.98 10.25
N THR B 281 -9.04 -11.82 9.52
CA THR B 281 -8.58 -13.18 9.30
C THR B 281 -8.11 -13.46 7.86
N GLU B 282 -8.44 -12.59 6.91
CA GLU B 282 -8.00 -12.80 5.53
C GLU B 282 -8.09 -11.49 4.76
N VAL B 283 -7.15 -11.29 3.84
CA VAL B 283 -7.30 -10.29 2.78
C VAL B 283 -7.40 -11.03 1.46
N SER B 284 -8.10 -10.43 0.51
CA SER B 284 -8.31 -11.04 -0.79
C SER B 284 -8.25 -9.89 -1.80
N CYS B 285 -7.03 -9.61 -2.25
CA CYS B 285 -6.75 -8.46 -3.11
C CYS B 285 -7.30 -8.72 -4.50
N LYS B 286 -7.99 -7.72 -5.07
CA LYS B 286 -8.46 -7.77 -6.44
C LYS B 286 -7.58 -6.90 -7.31
N PHE B 287 -7.41 -7.30 -8.56
CA PHE B 287 -6.35 -6.73 -9.37
C PHE B 287 -6.91 -6.03 -10.58
N ARG B 288 -6.08 -5.19 -11.15
CA ARG B 288 -6.35 -4.61 -12.44
C ARG B 288 -5.38 -5.19 -13.47
N PRO B 289 -5.87 -5.46 -14.68
CA PRO B 289 -5.02 -6.05 -15.74
C PRO B 289 -3.64 -5.43 -15.86
N GLN B 290 -3.61 -4.08 -15.87
CA GLN B 290 -2.35 -3.37 -16.04
C GLN B 290 -1.44 -3.60 -14.85
N ALA B 291 -2.00 -3.62 -13.64
CA ALA B 291 -1.19 -3.70 -12.44
C ALA B 291 -0.58 -5.08 -12.26
N VAL B 292 -1.22 -6.12 -12.78
CA VAL B 292 -0.60 -7.43 -12.68
C VAL B 292 0.65 -7.47 -13.54
N GLY B 293 0.56 -7.00 -14.79
CA GLY B 293 1.72 -6.96 -15.65
C GLY B 293 2.85 -6.11 -15.11
N ALA B 294 2.50 -5.02 -14.41
CA ALA B 294 3.54 -4.20 -13.84
C ALA B 294 4.16 -4.86 -12.61
N GLU B 295 3.36 -5.56 -11.79
CA GLU B 295 3.95 -6.28 -10.66
C GLU B 295 4.89 -7.37 -11.15
N LEU B 296 4.44 -8.16 -12.12
CA LEU B 296 5.32 -9.16 -12.72
C LEU B 296 6.62 -8.53 -13.21
N ALA B 297 6.53 -7.36 -13.84
CA ALA B 297 7.71 -6.66 -14.32
C ALA B 297 8.67 -6.33 -13.19
N ALA B 298 8.15 -5.74 -12.11
CA ALA B 298 9.00 -5.42 -10.96
C ALA B 298 9.70 -6.66 -10.44
N ALA B 299 9.04 -7.81 -10.46
CA ALA B 299 9.71 -9.01 -9.99
C ALA B 299 10.72 -9.53 -11.00
N GLY B 300 10.78 -8.95 -12.19
CA GLY B 300 11.68 -9.41 -13.22
C GLY B 300 11.09 -10.40 -14.19
N LEU B 301 9.76 -10.54 -14.23
CA LEU B 301 9.10 -11.36 -15.23
C LEU B 301 8.36 -10.50 -16.25
N HIS B 302 8.29 -10.98 -17.50
CA HIS B 302 7.68 -10.25 -18.59
C HIS B 302 6.40 -10.98 -19.01
N ARG B 303 5.24 -10.34 -18.80
CA ARG B 303 3.98 -10.96 -19.19
C ARG B 303 3.85 -11.01 -20.72
N ILE B 304 3.49 -12.18 -21.23
CA ILE B 304 3.40 -12.41 -22.66
C ILE B 304 1.99 -12.82 -23.08
N ARG B 305 1.15 -13.16 -22.12
CA ARG B 305 -0.23 -13.51 -22.38
C ARG B 305 -1.03 -13.05 -21.19
N TRP B 306 -2.14 -12.40 -21.48
CA TRP B 306 -3.13 -12.06 -20.49
C TRP B 306 -4.44 -12.61 -21.03
N TRP B 307 -5.25 -13.21 -20.16
CA TRP B 307 -6.54 -13.75 -20.56
C TRP B 307 -7.56 -13.43 -19.48
N THR B 308 -8.77 -13.12 -19.90
CA THR B 308 -9.86 -13.05 -18.95
C THR B 308 -10.90 -14.04 -19.39
N ASP B 309 -11.82 -14.31 -18.47
CA ASP B 309 -13.00 -15.07 -18.84
C ASP B 309 -13.92 -14.15 -19.67
N GLU B 310 -14.97 -14.75 -20.23
CA GLU B 310 -15.95 -14.00 -20.99
C GLU B 310 -16.49 -12.77 -20.24
N ALA B 311 -16.66 -12.83 -18.93
CA ALA B 311 -17.28 -11.71 -18.22
C ALA B 311 -16.28 -10.67 -17.72
N GLY B 312 -14.98 -10.88 -17.91
CA GLY B 312 -14.01 -9.99 -17.30
C GLY B 312 -13.96 -10.07 -15.78
N ASP B 313 -14.34 -11.22 -15.20
CA ASP B 313 -14.31 -11.45 -13.76
C ASP B 313 -12.91 -11.78 -13.23
N PHE B 314 -12.11 -12.49 -14.02
CA PHE B 314 -10.93 -13.13 -13.52
C PHE B 314 -9.89 -13.14 -14.62
N GLY B 315 -8.63 -13.01 -14.24
CA GLY B 315 -7.55 -12.91 -15.19
C GLY B 315 -6.51 -13.96 -14.95
N LEU B 316 -5.91 -14.43 -16.05
CA LEU B 316 -4.76 -15.31 -16.03
C LEU B 316 -3.61 -14.63 -16.75
N SER B 317 -2.41 -14.75 -16.19
CA SER B 317 -1.20 -14.20 -16.79
C SER B 317 -0.22 -15.31 -17.09
N LEU B 318 0.44 -15.19 -18.22
CA LEU B 318 1.56 -16.06 -18.57
C LEU B 318 2.77 -15.16 -18.67
N ALA B 319 3.72 -15.34 -17.78
CA ALA B 319 4.92 -14.50 -17.77
C ALA B 319 6.14 -15.37 -17.94
N ALA B 320 7.15 -14.83 -18.59
CA ALA B 320 8.39 -15.55 -18.86
C ALA B 320 9.54 -14.94 -18.06
N LYS B 321 10.51 -15.77 -17.74
CA LYS B 321 11.81 -15.28 -17.22
C LYS B 321 12.71 -14.96 -18.41
#